data_6AMT
#
_entry.id   6AMT
#
_cell.length_a   58.297
_cell.length_b   84.930
_cell.length_c   84.322
_cell.angle_alpha   90.00
_cell.angle_beta   89.97
_cell.angle_gamma   90.00
#
_symmetry.space_group_name_H-M   'P 1 21 1'
#
loop_
_entity.id
_entity.type
_entity.pdbx_description
1 polymer 'HLA class I histocompatibility antigen, A-2 alpha chain'
2 polymer Beta-2-microglobulin
3 polymer MET-MET-TRP-ASP-ARG-GLY-LEU-GLY-MET-MET
4 water water
#
loop_
_entity_poly.entity_id
_entity_poly.type
_entity_poly.pdbx_seq_one_letter_code
_entity_poly.pdbx_strand_id
1 'polypeptide(L)'
;GSHSMRYFFTSVSRPGRGEPRFIAVGYVDDTQFVRFDSDAASQRMEPRAPWIEQEGPEYWDGETRKVKAHSQTHRVDLGT
LRGYYNQSEAGSHTVQRMYGCDVGSDWRFLRGYHQYAYDGKDYIALKEDLRSWTAADMAAQTTKHKWEAAHVAEQLRAYL
EGTCVEWLRRYLENGKETLQRTDAPKTHMTHHAVSDHEATLRCWALSFYPAEITLTWQRDGEDQTQDTELVETRPAGDGT
FQKWAAVVVPSGQEQRYTCHVQHEGLPKPLTLRWE
;
A,D
2 'polypeptide(L)'
;MIQRTPKIQVYSRHPAENGKSNFLNCYVSGFHPSDIEVDLLKNGERIEKVEHSDLSFSKDWSFYLLYYTEFTPTEKDEYA
CRVNHVTLSQPKIVKWDRDM
;
B,E
3 'polypeptide(L)' MMWDRGLGMM C,F
#
# COMPACT_ATOMS: atom_id res chain seq x y z
N GLY A 1 10.51 13.18 4.43
CA GLY A 1 10.59 11.73 4.51
C GLY A 1 9.85 11.16 5.69
N SER A 2 9.63 9.84 5.67
CA SER A 2 8.94 9.15 6.74
C SER A 2 9.92 8.62 7.77
N HIS A 3 9.49 8.63 9.03
CA HIS A 3 10.30 8.15 10.15
C HIS A 3 9.47 7.18 10.98
N SER A 4 10.15 6.43 11.83
CA SER A 4 9.50 5.41 12.64
C SER A 4 10.31 5.16 13.91
N MET A 5 9.63 4.63 14.91
CA MET A 5 10.25 4.19 16.16
C MET A 5 9.68 2.83 16.53
N ARG A 6 10.56 1.90 16.89
CA ARG A 6 10.16 0.54 17.23
C ARG A 6 10.88 0.07 18.47
N TYR A 7 10.19 -0.76 19.24
CA TYR A 7 10.76 -1.42 20.41
C TYR A 7 10.61 -2.93 20.23
N PHE A 8 11.68 -3.67 20.50
CA PHE A 8 11.72 -5.11 20.30
C PHE A 8 11.99 -5.80 21.62
N PHE A 9 11.23 -6.85 21.91
CA PHE A 9 11.34 -7.59 23.16
C PHE A 9 11.40 -9.08 22.88
N THR A 10 12.39 -9.76 23.44
CA THR A 10 12.60 -11.18 23.23
C THR A 10 12.84 -11.86 24.57
N SER A 11 12.06 -12.89 24.86
CA SER A 11 12.20 -13.67 26.08
C SER A 11 12.31 -15.14 25.73
N VAL A 12 13.39 -15.78 26.17
CA VAL A 12 13.64 -17.19 25.92
C VAL A 12 13.73 -17.89 27.26
N SER A 13 12.87 -18.90 27.46
CA SER A 13 12.87 -19.65 28.71
C SER A 13 14.10 -20.55 28.80
N ARG A 14 14.52 -20.82 30.04
CA ARG A 14 15.64 -21.72 30.32
C ARG A 14 15.16 -22.80 31.28
N PRO A 15 14.63 -23.90 30.76
CA PRO A 15 14.15 -24.97 31.64
C PRO A 15 15.27 -25.56 32.47
N GLY A 16 15.06 -25.58 33.79
CA GLY A 16 16.09 -26.07 34.69
C GLY A 16 17.32 -25.20 34.80
N ARG A 17 17.30 -23.97 34.28
CA ARG A 17 18.42 -23.06 34.38
C ARG A 17 18.01 -21.70 34.92
N GLY A 18 16.92 -21.64 35.69
CA GLY A 18 16.51 -20.40 36.32
C GLY A 18 15.54 -19.55 35.51
N GLU A 19 15.67 -18.23 35.63
CA GLU A 19 14.75 -17.29 35.01
C GLU A 19 14.87 -17.32 33.49
N PRO A 20 13.86 -16.83 32.78
CA PRO A 20 13.98 -16.70 31.32
C PRO A 20 14.90 -15.55 30.94
N ARG A 21 15.53 -15.68 29.78
CA ARG A 21 16.42 -14.65 29.27
C ARG A 21 15.62 -13.60 28.52
N PHE A 22 15.68 -12.36 28.99
CA PHE A 22 14.94 -11.25 28.40
C PHE A 22 15.90 -10.24 27.80
N ILE A 23 15.59 -9.77 26.60
CA ILE A 23 16.39 -8.78 25.89
C ILE A 23 15.43 -7.77 25.24
N ALA A 24 15.74 -6.49 25.37
CA ALA A 24 14.93 -5.41 24.81
C ALA A 24 15.82 -4.41 24.09
N VAL A 25 15.39 -3.98 22.90
CA VAL A 25 16.12 -3.02 22.10
C VAL A 25 15.13 -2.05 21.47
N GLY A 26 15.47 -0.76 21.49
CA GLY A 26 14.67 0.27 20.87
C GLY A 26 15.34 0.82 19.62
N TYR A 27 14.52 1.26 18.67
CA TYR A 27 15.02 1.74 17.39
C TYR A 27 14.29 3.01 16.98
N VAL A 28 15.01 3.87 16.26
CA VAL A 28 14.42 4.99 15.52
C VAL A 28 14.79 4.75 14.07
N ASP A 29 13.82 4.26 13.28
CA ASP A 29 14.06 3.76 11.92
C ASP A 29 15.07 2.62 12.03
N ASP A 30 16.23 2.69 11.39
CA ASP A 30 17.24 1.65 11.47
C ASP A 30 18.40 2.02 12.39
N THR A 31 18.13 2.84 13.41
CA THR A 31 19.15 3.31 14.34
C THR A 31 18.77 2.90 15.76
N GLN A 32 19.63 2.12 16.40
CA GLN A 32 19.41 1.71 17.77
C GLN A 32 19.87 2.78 18.74
N PHE A 33 19.10 2.98 19.81
CA PHE A 33 19.45 3.99 20.81
C PHE A 33 19.31 3.52 22.26
N VAL A 34 18.47 2.53 22.56
CA VAL A 34 18.36 1.99 23.91
C VAL A 34 18.41 0.47 23.83
N ARG A 35 18.71 -0.14 24.98
CA ARG A 35 18.80 -1.58 25.05
C ARG A 35 18.90 -2.05 26.50
N PHE A 36 18.45 -3.27 26.73
CA PHE A 36 18.49 -3.90 28.04
C PHE A 36 18.83 -5.37 27.87
N ASP A 37 19.55 -5.91 28.86
CA ASP A 37 19.94 -7.32 28.86
C ASP A 37 19.75 -7.89 30.26
N SER A 38 19.09 -9.06 30.33
CA SER A 38 18.82 -9.68 31.62
C SER A 38 20.06 -10.30 32.25
N ASP A 39 21.06 -10.67 31.45
CA ASP A 39 22.27 -11.27 31.97
C ASP A 39 23.40 -10.26 32.18
N ALA A 40 23.21 -9.01 31.76
CA ALA A 40 24.24 -8.01 31.95
C ALA A 40 24.35 -7.62 33.42
N ALA A 41 25.56 -7.18 33.81
CA ALA A 41 25.79 -6.78 35.20
C ALA A 41 25.16 -5.43 35.52
N SER A 42 24.87 -4.62 34.50
CA SER A 42 24.25 -3.32 34.76
C SER A 42 22.83 -3.47 35.29
N GLN A 43 22.07 -4.41 34.73
CA GLN A 43 20.69 -4.68 35.14
C GLN A 43 19.82 -3.43 35.03
N ARG A 44 20.08 -2.60 34.03
CA ARG A 44 19.29 -1.38 33.82
C ARG A 44 19.40 -0.98 32.36
N MET A 45 18.54 -0.06 31.96
CA MET A 45 18.52 0.42 30.58
C MET A 45 19.80 1.17 30.27
N GLU A 46 20.43 0.82 29.14
CA GLU A 46 21.70 1.42 28.78
C GLU A 46 21.59 2.18 27.46
N PRO A 47 22.35 3.26 27.30
CA PRO A 47 22.31 4.00 26.03
C PRO A 47 23.11 3.29 24.94
N ARG A 48 22.59 3.35 23.72
CA ARG A 48 23.27 2.79 22.55
C ARG A 48 23.32 3.80 21.42
N ALA A 49 23.39 5.09 21.76
CA ALA A 49 23.48 6.17 20.79
C ALA A 49 24.02 7.40 21.48
N PRO A 50 24.76 8.26 20.78
CA PRO A 50 25.30 9.46 21.45
C PRO A 50 24.23 10.48 21.79
N TRP A 51 23.23 10.65 20.92
CA TRP A 51 22.20 11.65 21.13
C TRP A 51 21.19 11.28 22.20
N ILE A 52 21.22 10.04 22.69
CA ILE A 52 20.29 9.62 23.74
C ILE A 52 20.89 9.76 25.14
N GLU A 53 22.21 9.94 25.24
CA GLU A 53 22.84 10.14 26.54
C GLU A 53 22.54 11.51 27.15
N GLN A 54 21.84 12.39 26.41
CA GLN A 54 21.52 13.71 26.95
C GLN A 54 20.43 13.64 28.01
N GLU A 55 19.73 12.51 28.13
CA GLU A 55 18.59 12.41 29.03
C GLU A 55 19.02 12.46 30.48
N GLY A 56 18.13 12.99 31.32
CA GLY A 56 18.38 13.11 32.73
C GLY A 56 18.12 11.82 33.48
N PRO A 57 18.22 11.88 34.81
CA PRO A 57 17.98 10.67 35.61
C PRO A 57 16.54 10.19 35.58
N GLU A 58 15.57 11.11 35.47
CA GLU A 58 14.17 10.70 35.44
C GLU A 58 13.87 9.85 34.22
N TYR A 59 14.41 10.22 33.06
CA TYR A 59 14.21 9.41 31.86
C TYR A 59 14.91 8.07 31.98
N TRP A 60 16.17 8.07 32.41
CA TRP A 60 16.95 6.84 32.48
C TRP A 60 16.29 5.84 33.43
N ASP A 61 16.15 6.19 34.70
CA ASP A 61 15.57 5.28 35.68
C ASP A 61 14.10 5.02 35.41
N GLY A 62 13.42 5.92 34.70
CA GLY A 62 12.02 5.68 34.38
C GLY A 62 11.83 4.56 33.37
N GLU A 63 12.76 4.46 32.40
CA GLU A 63 12.68 3.39 31.42
C GLU A 63 13.18 2.06 31.98
N THR A 64 14.09 2.10 32.95
CA THR A 64 14.52 0.87 33.61
C THR A 64 13.36 0.19 34.32
N ARG A 65 12.45 0.99 34.89
CA ARG A 65 11.27 0.43 35.55
C ARG A 65 10.32 -0.18 34.52
N LYS A 66 10.17 0.45 33.35
CA LYS A 66 9.22 -0.05 32.37
C LYS A 66 9.74 -1.27 31.64
N VAL A 67 11.07 -1.37 31.46
CA VAL A 67 11.63 -2.57 30.83
C VAL A 67 11.60 -3.74 31.80
N LYS A 68 11.62 -3.48 33.11
CA LYS A 68 11.44 -4.55 34.07
C LYS A 68 10.00 -5.01 34.13
N ALA A 69 9.05 -4.10 33.90
CA ALA A 69 7.65 -4.49 33.82
C ALA A 69 7.37 -5.31 32.57
N HIS A 70 8.07 -5.01 31.47
CA HIS A 70 7.94 -5.82 30.26
C HIS A 70 8.63 -7.18 30.42
N SER A 71 9.71 -7.23 31.20
CA SER A 71 10.43 -8.49 31.38
C SER A 71 9.61 -9.46 32.23
N GLN A 72 9.10 -8.99 33.37
CA GLN A 72 8.25 -9.83 34.20
C GLN A 72 6.94 -10.20 33.52
N THR A 73 6.49 -9.40 32.55
CA THR A 73 5.28 -9.74 31.82
C THR A 73 5.48 -10.99 30.97
N HIS A 74 6.54 -11.01 30.15
CA HIS A 74 6.84 -12.20 29.37
C HIS A 74 7.11 -13.40 30.26
N ARG A 75 7.66 -13.18 31.44
CA ARG A 75 7.90 -14.27 32.38
C ARG A 75 6.61 -14.98 32.74
N VAL A 76 5.52 -14.23 32.87
CA VAL A 76 4.22 -14.84 33.14
C VAL A 76 3.56 -15.29 31.85
N ASP A 77 3.85 -14.63 30.72
CA ASP A 77 3.25 -15.02 29.45
C ASP A 77 3.75 -16.40 29.00
N LEU A 78 4.94 -16.80 29.42
CA LEU A 78 5.47 -18.09 29.01
C LEU A 78 4.68 -19.23 29.64
N GLY A 79 4.36 -19.13 30.94
CA GLY A 79 3.60 -20.17 31.59
C GLY A 79 2.16 -20.24 31.10
N THR A 80 1.57 -19.09 30.76
CA THR A 80 0.20 -19.08 30.25
C THR A 80 0.13 -19.70 28.86
N LEU A 81 1.03 -19.29 27.96
CA LEU A 81 1.05 -19.85 26.62
C LEU A 81 1.41 -21.33 26.62
N ARG A 82 2.24 -21.76 27.59
CA ARG A 82 2.60 -23.17 27.67
C ARG A 82 1.37 -24.04 27.90
N GLY A 83 0.41 -23.54 28.68
CA GLY A 83 -0.82 -24.28 28.91
C GLY A 83 -1.79 -24.21 27.75
N TYR A 84 -1.70 -23.16 26.92
CA TYR A 84 -2.58 -23.05 25.77
C TYR A 84 -2.29 -24.12 24.73
N TYR A 85 -1.05 -24.59 24.67
CA TYR A 85 -0.63 -25.58 23.67
C TYR A 85 -0.29 -26.93 24.29
N ASN A 86 -0.53 -27.10 25.60
CA ASN A 86 -0.32 -28.37 26.29
C ASN A 86 1.14 -28.83 26.15
N GLN A 87 2.06 -27.95 26.57
CA GLN A 87 3.48 -28.19 26.45
C GLN A 87 4.09 -28.49 27.81
N SER A 88 5.22 -29.18 27.78
CA SER A 88 5.92 -29.53 29.02
C SER A 88 6.84 -28.38 29.44
N GLU A 89 7.38 -28.49 30.65
CA GLU A 89 8.30 -27.51 31.19
C GLU A 89 9.76 -27.89 30.97
N ALA A 90 10.02 -28.96 30.22
CA ALA A 90 11.39 -29.36 29.91
C ALA A 90 11.87 -28.81 28.56
N GLY A 91 11.03 -28.05 27.85
CA GLY A 91 11.39 -27.48 26.56
C GLY A 91 11.50 -25.96 26.64
N SER A 92 12.44 -25.41 25.89
CA SER A 92 12.66 -23.97 25.85
C SER A 92 11.74 -23.34 24.80
N HIS A 93 11.20 -22.17 25.13
CA HIS A 93 10.26 -21.49 24.27
C HIS A 93 10.61 -20.01 24.19
N THR A 94 10.12 -19.36 23.14
CA THR A 94 10.45 -17.97 22.87
C THR A 94 9.18 -17.17 22.62
N VAL A 95 9.05 -16.04 23.29
CA VAL A 95 7.98 -15.08 23.04
C VAL A 95 8.61 -13.78 22.57
N GLN A 96 8.07 -13.22 21.50
CA GLN A 96 8.60 -12.02 20.87
C GLN A 96 7.53 -10.94 20.84
N ARG A 97 7.96 -9.70 21.06
CA ARG A 97 7.05 -8.57 21.23
C ARG A 97 7.62 -7.35 20.54
N MET A 98 6.78 -6.62 19.82
CA MET A 98 7.22 -5.42 19.12
C MET A 98 6.04 -4.47 18.95
N TYR A 99 6.28 -3.18 19.18
CA TYR A 99 5.28 -2.16 18.93
C TYR A 99 6.00 -0.85 18.57
N GLY A 100 5.22 0.09 18.04
CA GLY A 100 5.77 1.37 17.66
C GLY A 100 4.78 2.15 16.81
N CYS A 101 5.18 3.37 16.50
CA CYS A 101 4.38 4.29 15.71
C CYS A 101 5.22 4.83 14.55
N ASP A 102 4.53 5.35 13.54
CA ASP A 102 5.16 5.89 12.35
C ASP A 102 4.71 7.34 12.13
N VAL A 103 5.57 8.12 11.49
CA VAL A 103 5.28 9.50 11.15
C VAL A 103 5.70 9.74 9.71
N GLY A 104 4.97 10.63 9.04
CA GLY A 104 5.20 10.95 7.64
C GLY A 104 6.16 12.11 7.45
N SER A 105 6.02 12.79 6.31
CA SER A 105 6.87 13.95 6.03
C SER A 105 6.53 15.10 6.96
N ASP A 106 5.24 15.34 7.20
CA ASP A 106 4.82 16.37 8.15
C ASP A 106 4.93 15.92 9.59
N TRP A 107 5.47 14.73 9.84
CA TRP A 107 5.64 14.16 11.18
C TRP A 107 4.30 13.97 11.89
N ARG A 108 3.23 13.76 11.12
CA ARG A 108 1.93 13.44 11.68
C ARG A 108 1.81 11.92 11.86
N PHE A 109 0.86 11.52 12.71
CA PHE A 109 0.65 10.11 12.99
C PHE A 109 0.35 9.34 11.71
N LEU A 110 1.19 8.36 11.39
CA LEU A 110 0.96 7.52 10.22
C LEU A 110 0.21 6.26 10.62
N ARG A 111 0.91 5.29 11.21
CA ARG A 111 0.32 4.03 11.60
C ARG A 111 0.97 3.55 12.90
N GLY A 112 0.14 3.04 13.81
CA GLY A 112 0.61 2.40 15.02
C GLY A 112 0.42 0.90 14.93
N TYR A 113 1.23 0.15 15.66
CA TYR A 113 1.19 -1.30 15.59
C TYR A 113 1.68 -1.91 16.89
N HIS A 114 1.27 -3.16 17.12
CA HIS A 114 1.68 -3.93 18.29
C HIS A 114 1.38 -5.39 18.01
N GLN A 115 2.43 -6.22 17.96
CA GLN A 115 2.27 -7.62 17.57
C GLN A 115 3.03 -8.52 18.53
N TYR A 116 2.51 -9.73 18.71
CA TYR A 116 3.13 -10.76 19.51
C TYR A 116 3.44 -11.98 18.66
N ALA A 117 4.40 -12.79 19.14
CA ALA A 117 4.76 -14.02 18.45
C ALA A 117 5.33 -15.00 19.46
N TYR A 118 4.83 -16.22 19.44
CA TYR A 118 5.26 -17.27 20.35
C TYR A 118 5.96 -18.37 19.57
N ASP A 119 7.24 -18.61 19.89
CA ASP A 119 8.04 -19.62 19.23
C ASP A 119 8.08 -19.40 17.72
N GLY A 120 8.28 -18.16 17.32
CA GLY A 120 8.42 -17.77 15.93
C GLY A 120 7.13 -17.46 15.18
N LYS A 121 6.07 -18.23 15.45
CA LYS A 121 4.82 -18.06 14.74
C LYS A 121 4.05 -16.86 15.28
N ASP A 122 3.29 -16.22 14.39
CA ASP A 122 2.47 -15.09 14.79
C ASP A 122 1.43 -15.54 15.81
N TYR A 123 1.13 -14.66 16.77
CA TYR A 123 0.12 -14.94 17.78
C TYR A 123 -1.01 -13.93 17.72
N ILE A 124 -0.81 -12.71 18.20
CA ILE A 124 -1.86 -11.69 18.17
C ILE A 124 -1.23 -10.37 17.75
N ALA A 125 -2.04 -9.54 17.09
CA ALA A 125 -1.55 -8.27 16.57
C ALA A 125 -2.70 -7.26 16.58
N LEU A 126 -2.37 -6.02 16.91
CA LEU A 126 -3.34 -4.94 16.89
C LEU A 126 -3.55 -4.46 15.45
N LYS A 127 -4.81 -4.31 15.06
CA LYS A 127 -5.12 -3.93 13.69
C LYS A 127 -4.79 -2.46 13.44
N GLU A 128 -5.01 -2.03 12.20
CA GLU A 128 -4.71 -0.64 11.83
C GLU A 128 -5.69 0.33 12.47
N ASP A 129 -6.92 -0.11 12.74
CA ASP A 129 -7.88 0.72 13.45
C ASP A 129 -7.49 0.97 14.89
N LEU A 130 -6.49 0.24 15.40
CA LEU A 130 -5.96 0.41 16.75
C LEU A 130 -7.01 0.20 17.83
N ARG A 131 -8.07 -0.54 17.54
CA ARG A 131 -9.11 -0.87 18.51
C ARG A 131 -9.48 -2.34 18.50
N SER A 132 -9.46 -2.98 17.33
CA SER A 132 -9.74 -4.41 17.23
C SER A 132 -8.45 -5.19 17.01
N TRP A 133 -8.53 -6.50 17.21
CA TRP A 133 -7.35 -7.36 17.19
C TRP A 133 -7.46 -8.40 16.07
N THR A 134 -6.35 -9.09 15.84
CA THR A 134 -6.28 -10.17 14.85
C THR A 134 -5.60 -11.37 15.52
N ALA A 135 -6.37 -12.41 15.81
CA ALA A 135 -5.85 -13.62 16.42
C ALA A 135 -5.40 -14.59 15.32
N ALA A 136 -4.17 -15.09 15.45
CA ALA A 136 -3.63 -16.00 14.44
C ALA A 136 -4.28 -17.37 14.54
N ASP A 137 -4.20 -18.00 15.71
CA ASP A 137 -4.77 -19.31 15.94
C ASP A 137 -5.89 -19.22 16.97
N MET A 138 -6.43 -20.38 17.34
CA MET A 138 -7.51 -20.41 18.33
C MET A 138 -6.99 -20.13 19.73
N ALA A 139 -5.71 -20.44 20.00
CA ALA A 139 -5.13 -20.09 21.29
C ALA A 139 -5.02 -18.57 21.47
N ALA A 140 -4.83 -17.84 20.38
CA ALA A 140 -4.81 -16.38 20.45
C ALA A 140 -6.21 -15.81 20.60
N GLN A 141 -7.24 -16.56 20.20
CA GLN A 141 -8.62 -16.10 20.40
C GLN A 141 -8.94 -15.97 21.89
N THR A 142 -8.37 -16.83 22.72
CA THR A 142 -8.54 -16.70 24.16
C THR A 142 -7.94 -15.39 24.68
N THR A 143 -6.76 -15.03 24.17
CA THR A 143 -6.15 -13.76 24.56
C THR A 143 -6.95 -12.57 24.03
N LYS A 144 -7.56 -12.71 22.85
CA LYS A 144 -8.40 -11.64 22.32
C LYS A 144 -9.63 -11.41 23.18
N HIS A 145 -10.21 -12.49 23.72
CA HIS A 145 -11.42 -12.35 24.53
C HIS A 145 -11.16 -11.54 25.78
N LYS A 146 -10.06 -11.83 26.48
CA LYS A 146 -9.77 -11.15 27.73
C LYS A 146 -9.45 -9.68 27.52
N TRP A 147 -8.87 -9.33 26.39
CA TRP A 147 -8.45 -7.96 26.13
C TRP A 147 -9.53 -7.10 25.50
N GLU A 148 -10.52 -7.72 24.85
CA GLU A 148 -11.67 -6.95 24.38
C GLU A 148 -12.70 -6.76 25.49
N ALA A 149 -12.78 -7.72 26.42
CA ALA A 149 -13.71 -7.58 27.53
C ALA A 149 -13.24 -6.53 28.53
N ALA A 150 -11.93 -6.31 28.62
CA ALA A 150 -11.39 -5.30 29.51
C ALA A 150 -11.18 -3.95 28.82
N HIS A 151 -11.44 -3.87 27.52
CA HIS A 151 -11.33 -2.63 26.75
C HIS A 151 -9.94 -2.02 26.89
N VAL A 152 -8.92 -2.87 26.87
CA VAL A 152 -7.54 -2.42 27.06
C VAL A 152 -6.88 -1.95 25.76
N ALA A 153 -7.59 -2.03 24.63
CA ALA A 153 -7.03 -1.58 23.37
C ALA A 153 -7.06 -0.08 23.21
N GLU A 154 -7.96 0.62 23.92
CA GLU A 154 -8.06 2.07 23.77
C GLU A 154 -6.89 2.79 24.43
N GLN A 155 -6.39 2.26 25.55
CA GLN A 155 -5.21 2.87 26.17
C GLN A 155 -3.97 2.67 25.32
N LEU A 156 -3.92 1.58 24.56
CA LEU A 156 -2.81 1.36 23.65
C LEU A 156 -2.81 2.40 22.54
N ARG A 157 -3.97 2.63 21.93
CA ARG A 157 -4.09 3.67 20.90
C ARG A 157 -3.79 5.05 21.47
N ALA A 158 -4.08 5.28 22.74
CA ALA A 158 -3.73 6.56 23.36
C ALA A 158 -2.22 6.75 23.44
N TYR A 159 -1.49 5.65 23.68
CA TYR A 159 -0.03 5.74 23.75
C TYR A 159 0.59 5.83 22.36
N LEU A 160 0.01 5.13 21.38
CA LEU A 160 0.56 5.14 20.03
C LEU A 160 0.30 6.47 19.32
N GLU A 161 -0.78 7.17 19.68
CA GLU A 161 -1.10 8.45 19.06
C GLU A 161 -0.49 9.64 19.81
N GLY A 162 -0.01 9.44 21.03
CA GLY A 162 0.53 10.54 21.80
C GLY A 162 1.99 10.35 22.21
N THR A 163 2.20 9.60 23.30
CA THR A 163 3.54 9.46 23.87
C THR A 163 4.54 8.93 22.84
N CYS A 164 4.11 8.01 21.99
CA CYS A 164 5.02 7.47 20.98
C CYS A 164 5.38 8.53 19.94
N VAL A 165 4.38 9.13 19.32
CA VAL A 165 4.64 10.08 18.24
C VAL A 165 5.30 11.35 18.76
N GLU A 166 4.81 11.86 19.90
CA GLU A 166 5.36 13.10 20.44
C GLU A 166 6.82 12.96 20.83
N TRP A 167 7.18 11.83 21.46
CA TRP A 167 8.57 11.59 21.82
C TRP A 167 9.41 11.13 20.64
N LEU A 168 8.79 10.59 19.60
CA LEU A 168 9.53 10.32 18.36
C LEU A 168 9.99 11.62 17.72
N ARG A 169 9.17 12.66 17.80
CA ARG A 169 9.59 13.97 17.30
C ARG A 169 10.80 14.50 18.05
N ARG A 170 10.89 14.20 19.35
CA ARG A 170 12.00 14.72 20.16
C ARG A 170 13.32 14.10 19.74
N TYR A 171 13.35 12.79 19.52
CA TYR A 171 14.59 12.12 19.13
C TYR A 171 15.07 12.60 17.77
N LEU A 172 14.14 12.86 16.84
CA LEU A 172 14.52 13.38 15.53
C LEU A 172 15.10 14.78 15.62
N GLU A 173 14.91 15.48 16.74
CA GLU A 173 15.53 16.78 16.96
C GLU A 173 16.84 16.68 17.71
N ASN A 174 16.89 15.87 18.77
CA ASN A 174 18.13 15.70 19.53
C ASN A 174 19.17 14.91 18.75
N GLY A 175 18.74 14.08 17.80
CA GLY A 175 19.67 13.38 16.93
C GLY A 175 19.45 13.77 15.48
N LYS A 176 19.19 15.06 15.26
CA LYS A 176 18.88 15.56 13.92
C LYS A 176 19.98 15.23 12.92
N GLU A 177 21.25 15.36 13.35
CA GLU A 177 22.36 15.14 12.42
C GLU A 177 22.53 13.67 12.08
N THR A 178 22.08 12.76 12.94
CA THR A 178 22.27 11.34 12.73
C THR A 178 21.01 10.63 12.23
N LEU A 179 19.83 11.15 12.52
CA LEU A 179 18.58 10.50 12.16
C LEU A 179 17.97 11.02 10.88
N GLN A 180 17.99 12.34 10.66
CA GLN A 180 17.34 12.90 9.48
C GLN A 180 18.30 12.95 8.29
N ARG A 181 19.24 12.03 8.27
CA ARG A 181 20.23 11.94 7.19
C ARG A 181 19.78 10.93 6.15
N THR A 182 20.08 11.23 4.89
CA THR A 182 19.85 10.29 3.79
C THR A 182 21.11 10.25 2.93
N ASP A 183 21.85 9.15 3.02
CA ASP A 183 23.06 8.95 2.25
C ASP A 183 22.76 8.09 1.04
N ALA A 184 23.21 8.54 -0.13
CA ALA A 184 22.98 7.79 -1.36
C ALA A 184 23.92 6.59 -1.43
N PRO A 185 23.45 5.46 -1.96
CA PRO A 185 24.32 4.28 -2.05
C PRO A 185 25.42 4.47 -3.08
N LYS A 186 26.62 4.03 -2.71
CA LYS A 186 27.74 3.96 -3.65
C LYS A 186 27.64 2.67 -4.45
N THR A 187 27.33 2.79 -5.74
CA THR A 187 27.01 1.64 -6.58
C THR A 187 28.16 1.34 -7.53
N HIS A 188 28.38 0.06 -7.79
CA HIS A 188 29.33 -0.41 -8.79
C HIS A 188 29.06 -1.89 -9.03
N MET A 189 29.73 -2.44 -10.03
CA MET A 189 29.58 -3.85 -10.38
C MET A 189 30.95 -4.46 -10.61
N THR A 190 31.05 -5.76 -10.35
CA THR A 190 32.29 -6.50 -10.49
C THR A 190 32.12 -7.65 -11.48
N HIS A 191 33.21 -7.99 -12.16
CA HIS A 191 33.23 -9.07 -13.13
C HIS A 191 34.34 -10.05 -12.78
N HIS A 192 34.01 -11.33 -12.68
CA HIS A 192 34.99 -12.37 -12.39
C HIS A 192 34.57 -13.65 -13.09
N ALA A 193 35.41 -14.12 -14.02
CA ALA A 193 35.11 -15.34 -14.75
C ALA A 193 35.24 -16.55 -13.83
N VAL A 194 34.16 -17.31 -13.70
CA VAL A 194 34.17 -18.49 -12.85
C VAL A 194 34.57 -19.74 -13.63
N SER A 195 34.23 -19.82 -14.91
CA SER A 195 34.58 -20.97 -15.73
C SER A 195 35.10 -20.46 -17.08
N ASP A 196 35.21 -21.39 -18.04
CA ASP A 196 35.77 -21.04 -19.34
C ASP A 196 34.85 -20.09 -20.10
N HIS A 197 33.54 -20.27 -19.95
CA HIS A 197 32.53 -19.49 -20.65
C HIS A 197 31.46 -19.01 -19.68
N GLU A 198 31.85 -18.73 -18.44
CA GLU A 198 30.93 -18.22 -17.43
C GLU A 198 31.65 -17.20 -16.56
N ALA A 199 30.90 -16.20 -16.10
CA ALA A 199 31.43 -15.14 -15.27
C ALA A 199 30.37 -14.66 -14.30
N THR A 200 30.82 -14.20 -13.14
CA THR A 200 29.94 -13.71 -12.09
C THR A 200 29.85 -12.19 -12.15
N LEU A 201 28.63 -11.67 -12.25
CA LEU A 201 28.37 -10.23 -12.29
C LEU A 201 27.69 -9.85 -10.98
N ARG A 202 28.42 -9.18 -10.11
CA ARG A 202 27.92 -8.81 -8.78
C ARG A 202 27.72 -7.31 -8.72
N CYS A 203 26.47 -6.89 -8.56
CA CYS A 203 26.12 -5.48 -8.47
C CYS A 203 26.14 -5.04 -7.01
N TRP A 204 26.85 -3.96 -6.72
CA TRP A 204 27.10 -3.53 -5.35
C TRP A 204 26.38 -2.22 -5.04
N ALA A 205 26.12 -2.02 -3.75
CA ALA A 205 25.54 -0.77 -3.25
C ALA A 205 26.04 -0.59 -1.81
N LEU A 206 26.83 0.46 -1.58
CA LEU A 206 27.53 0.63 -0.31
C LEU A 206 27.22 1.99 0.28
N SER A 207 27.25 2.04 1.61
CA SER A 207 27.14 3.28 2.38
C SER A 207 25.86 4.05 2.05
N PHE A 208 24.73 3.43 2.37
CA PHE A 208 23.43 4.04 2.14
C PHE A 208 22.60 4.02 3.43
N TYR A 209 21.69 4.98 3.53
CA TYR A 209 20.78 5.08 4.66
C TYR A 209 19.49 5.75 4.20
N PRO A 210 18.33 5.18 4.56
CA PRO A 210 18.12 3.99 5.38
C PRO A 210 18.47 2.67 4.68
N ALA A 211 18.20 1.56 5.37
CA ALA A 211 18.61 0.24 4.89
C ALA A 211 17.75 -0.28 3.75
N GLU A 212 16.51 0.19 3.62
CA GLU A 212 15.62 -0.33 2.60
C GLU A 212 16.10 0.11 1.22
N ILE A 213 16.40 -0.86 0.36
CA ILE A 213 16.92 -0.58 -0.97
C ILE A 213 16.57 -1.78 -1.85
N THR A 214 16.49 -1.54 -3.16
CA THR A 214 16.09 -2.56 -4.13
C THR A 214 17.10 -2.59 -5.27
N LEU A 215 17.90 -3.64 -5.31
CA LEU A 215 18.84 -3.89 -6.40
C LEU A 215 18.32 -5.03 -7.25
N THR A 216 18.09 -4.77 -8.53
CA THR A 216 17.54 -5.76 -9.44
C THR A 216 18.38 -5.86 -10.70
N TRP A 217 18.34 -7.03 -11.32
CA TRP A 217 19.05 -7.29 -12.57
C TRP A 217 18.05 -7.44 -13.71
N GLN A 218 18.44 -6.95 -14.89
CA GLN A 218 17.62 -7.06 -16.09
C GLN A 218 18.49 -7.48 -17.26
N ARG A 219 17.92 -8.28 -18.15
CA ARG A 219 18.60 -8.73 -19.36
C ARG A 219 17.84 -8.14 -20.55
N ASP A 220 18.32 -7.00 -21.05
CA ASP A 220 17.74 -6.32 -22.20
C ASP A 220 16.30 -5.89 -21.97
N GLY A 221 15.86 -5.79 -20.72
CA GLY A 221 14.51 -5.36 -20.45
C GLY A 221 13.75 -6.27 -19.50
N GLU A 222 13.97 -7.58 -19.61
CA GLU A 222 13.31 -8.55 -18.76
C GLU A 222 14.10 -8.74 -17.48
N ASP A 223 13.38 -8.93 -16.38
CA ASP A 223 13.98 -9.01 -15.06
C ASP A 223 14.29 -10.46 -14.69
N GLN A 224 15.35 -10.63 -13.90
CA GLN A 224 15.81 -11.95 -13.48
C GLN A 224 15.45 -12.16 -12.01
N THR A 225 14.79 -13.27 -11.72
CA THR A 225 14.39 -13.62 -10.36
C THR A 225 14.93 -14.96 -9.89
N GLN A 226 14.96 -15.97 -10.76
CA GLN A 226 15.43 -17.29 -10.37
C GLN A 226 16.95 -17.39 -10.38
N ASP A 227 17.62 -16.64 -11.27
CA ASP A 227 19.07 -16.66 -11.33
C ASP A 227 19.73 -15.64 -10.40
N THR A 228 19.00 -14.60 -10.00
CA THR A 228 19.60 -13.55 -9.20
C THR A 228 19.90 -14.06 -7.79
N GLU A 229 21.16 -13.89 -7.38
CA GLU A 229 21.62 -14.30 -6.06
C GLU A 229 21.57 -13.08 -5.14
N LEU A 230 20.51 -12.99 -4.35
CA LEU A 230 20.29 -11.84 -3.47
C LEU A 230 20.61 -12.21 -2.03
N VAL A 231 21.34 -11.34 -1.35
CA VAL A 231 21.63 -11.49 0.06
C VAL A 231 20.91 -10.39 0.84
N GLU A 232 20.66 -10.67 2.11
CA GLU A 232 19.96 -9.69 2.95
C GLU A 232 20.80 -8.44 3.14
N THR A 233 20.13 -7.32 3.40
CA THR A 233 20.82 -6.07 3.65
C THR A 233 21.66 -6.18 4.92
N ARG A 234 22.96 -5.97 4.79
CA ARG A 234 23.85 -6.10 5.91
C ARG A 234 24.35 -4.73 6.38
N PRO A 235 24.53 -4.54 7.68
CA PRO A 235 25.06 -3.26 8.17
C PRO A 235 26.58 -3.27 8.26
N ALA A 236 27.18 -2.18 7.80
CA ALA A 236 28.62 -2.03 7.91
C ALA A 236 29.08 -1.83 9.35
N GLY A 237 28.19 -1.39 10.23
CA GLY A 237 28.51 -1.13 11.61
C GLY A 237 28.68 0.34 11.95
N ASP A 238 28.73 1.21 10.94
CA ASP A 238 28.92 2.65 11.14
C ASP A 238 27.63 3.43 10.91
N GLY A 239 26.49 2.75 10.89
CA GLY A 239 25.22 3.41 10.64
C GLY A 239 24.70 3.14 9.25
N THR A 240 25.60 3.08 8.27
CA THR A 240 25.22 2.78 6.90
C THR A 240 25.09 1.27 6.72
N PHE A 241 24.67 0.86 5.52
CA PHE A 241 24.40 -0.54 5.23
C PHE A 241 25.01 -0.92 3.89
N GLN A 242 24.99 -2.22 3.60
CA GLN A 242 25.55 -2.78 2.38
C GLN A 242 24.57 -3.80 1.80
N LYS A 243 24.72 -4.06 0.51
CA LYS A 243 23.92 -5.06 -0.19
C LYS A 243 24.53 -5.31 -1.56
N TRP A 244 24.47 -6.57 -2.01
CA TRP A 244 24.89 -6.91 -3.36
C TRP A 244 24.00 -8.00 -3.93
N ALA A 245 23.84 -7.97 -5.24
CA ALA A 245 23.15 -9.02 -5.99
C ALA A 245 24.08 -9.52 -7.08
N ALA A 246 23.88 -10.78 -7.50
CA ALA A 246 24.77 -11.40 -8.45
C ALA A 246 24.00 -12.32 -9.38
N VAL A 247 24.48 -12.40 -10.63
CA VAL A 247 23.97 -13.33 -11.62
C VAL A 247 25.15 -13.90 -12.39
N VAL A 248 25.11 -15.20 -12.66
CA VAL A 248 26.13 -15.86 -13.46
C VAL A 248 25.71 -15.80 -14.93
N VAL A 249 26.57 -15.24 -15.77
CA VAL A 249 26.23 -14.97 -17.17
C VAL A 249 27.24 -15.67 -18.07
N PRO A 250 26.80 -16.27 -19.18
CA PRO A 250 27.76 -16.80 -20.15
C PRO A 250 28.69 -15.71 -20.65
N SER A 251 29.99 -16.01 -20.65
CA SER A 251 30.99 -15.01 -21.01
C SER A 251 30.82 -14.57 -22.45
N GLY A 252 30.65 -13.27 -22.65
CA GLY A 252 30.52 -12.68 -23.97
C GLY A 252 29.25 -11.89 -24.19
N GLN A 253 28.23 -12.07 -23.36
CA GLN A 253 26.96 -11.37 -23.49
C GLN A 253 26.66 -10.54 -22.24
N GLU A 254 27.70 -9.95 -21.66
CA GLU A 254 27.50 -9.12 -20.48
C GLU A 254 26.90 -7.77 -20.80
N GLN A 255 27.03 -7.31 -22.05
CA GLN A 255 26.47 -6.02 -22.44
C GLN A 255 24.95 -6.00 -22.39
N ARG A 256 24.31 -7.17 -22.36
CA ARG A 256 22.86 -7.23 -22.33
C ARG A 256 22.30 -6.98 -20.93
N TYR A 257 23.05 -7.35 -19.91
CA TYR A 257 22.57 -7.28 -18.53
C TYR A 257 22.82 -5.89 -17.95
N THR A 258 21.86 -5.41 -17.17
CA THR A 258 21.94 -4.10 -16.54
C THR A 258 21.40 -4.19 -15.12
N CYS A 259 22.08 -3.52 -14.19
CA CYS A 259 21.67 -3.48 -12.79
C CYS A 259 20.92 -2.18 -12.53
N HIS A 260 19.89 -2.25 -11.68
CA HIS A 260 19.04 -1.11 -11.37
C HIS A 260 18.94 -0.99 -9.85
N VAL A 261 19.28 0.18 -9.33
CA VAL A 261 19.29 0.44 -7.89
C VAL A 261 18.19 1.45 -7.58
N GLN A 262 17.32 1.11 -6.63
CA GLN A 262 16.23 1.96 -6.20
C GLN A 262 16.45 2.33 -4.74
N HIS A 263 16.63 3.62 -4.48
CA HIS A 263 16.84 4.10 -3.12
C HIS A 263 16.30 5.51 -3.01
N GLU A 264 15.74 5.83 -1.84
CA GLU A 264 15.16 7.16 -1.62
C GLU A 264 16.22 8.25 -1.63
N GLY A 265 17.45 7.93 -1.21
CA GLY A 265 18.53 8.89 -1.23
C GLY A 265 19.02 9.24 -2.62
N LEU A 266 18.56 8.52 -3.64
CA LEU A 266 18.91 8.81 -5.02
C LEU A 266 17.97 9.86 -5.59
N PRO A 267 18.48 10.90 -6.25
CA PRO A 267 17.57 11.85 -6.92
C PRO A 267 16.70 11.17 -7.97
N LYS A 268 17.26 10.22 -8.71
CA LYS A 268 16.54 9.45 -9.72
C LYS A 268 17.04 8.01 -9.67
N PRO A 269 16.23 7.06 -10.12
CA PRO A 269 16.69 5.66 -10.18
C PRO A 269 17.80 5.51 -11.22
N LEU A 270 18.98 5.10 -10.76
CA LEU A 270 20.15 5.00 -11.60
C LEU A 270 20.29 3.58 -12.15
N THR A 271 20.88 3.49 -13.35
CA THR A 271 21.10 2.23 -14.03
C THR A 271 22.57 2.12 -14.42
N LEU A 272 23.18 0.98 -14.16
CA LEU A 272 24.56 0.72 -14.52
C LEU A 272 24.60 -0.25 -15.70
N ARG A 273 25.21 0.18 -16.80
CA ARG A 273 25.27 -0.60 -18.02
C ARG A 273 26.72 -1.03 -18.29
N TRP A 274 26.92 -1.71 -19.41
CA TRP A 274 28.23 -2.19 -19.81
C TRP A 274 28.70 -1.51 -21.09
N MET B 1 7.40 -26.22 16.33
CA MET B 1 8.62 -25.45 16.56
C MET B 1 9.27 -25.07 15.23
N ILE B 2 9.23 -23.79 14.90
CA ILE B 2 9.81 -23.32 13.64
C ILE B 2 11.32 -23.25 13.77
N GLN B 3 12.02 -23.65 12.71
CA GLN B 3 13.47 -23.56 12.65
C GLN B 3 13.88 -22.93 11.32
N ARG B 4 14.90 -22.08 11.38
CA ARG B 4 15.39 -21.38 10.20
C ARG B 4 16.91 -21.44 10.15
N THR B 5 17.46 -21.69 8.98
CA THR B 5 18.91 -21.69 8.82
C THR B 5 19.44 -20.25 8.84
N PRO B 6 20.50 -19.99 9.58
CA PRO B 6 21.08 -18.64 9.59
C PRO B 6 21.75 -18.31 8.27
N LYS B 7 21.85 -17.01 8.00
CA LYS B 7 22.47 -16.48 6.79
C LYS B 7 23.75 -15.76 7.20
N ILE B 8 24.88 -16.42 6.99
CA ILE B 8 26.18 -15.89 7.41
C ILE B 8 26.74 -15.01 6.30
N GLN B 9 27.31 -13.88 6.70
CA GLN B 9 27.99 -12.98 5.76
C GLN B 9 29.26 -12.46 6.43
N VAL B 10 30.41 -12.90 5.94
CA VAL B 10 31.70 -12.43 6.44
C VAL B 10 32.23 -11.39 5.47
N TYR B 11 32.46 -10.19 5.99
CA TYR B 11 32.86 -9.06 5.14
C TYR B 11 33.57 -8.04 6.02
N SER B 12 34.07 -6.99 5.37
CA SER B 12 34.73 -5.89 6.06
C SER B 12 33.88 -4.63 5.98
N ARG B 13 34.14 -3.72 6.93
CA ARG B 13 33.42 -2.44 6.93
C ARG B 13 33.86 -1.57 5.75
N HIS B 14 35.16 -1.55 5.46
CA HIS B 14 35.72 -0.79 4.37
C HIS B 14 36.46 -1.71 3.41
N PRO B 15 36.73 -1.26 2.19
CA PRO B 15 37.59 -2.03 1.28
C PRO B 15 38.89 -2.44 1.96
N ALA B 16 39.23 -3.72 1.85
CA ALA B 16 40.40 -4.25 2.54
C ALA B 16 41.69 -3.73 1.93
N GLU B 17 42.68 -3.50 2.79
CA GLU B 17 43.99 -3.05 2.35
C GLU B 17 45.03 -3.52 3.35
N ASN B 18 46.08 -4.19 2.86
CA ASN B 18 47.12 -4.70 3.73
C ASN B 18 47.89 -3.54 4.35
N GLY B 19 47.93 -3.50 5.68
CA GLY B 19 48.62 -2.46 6.41
C GLY B 19 47.75 -1.34 6.94
N LYS B 20 46.43 -1.48 6.86
CA LYS B 20 45.51 -0.45 7.35
C LYS B 20 44.46 -1.14 8.21
N SER B 21 44.35 -0.70 9.47
CA SER B 21 43.40 -1.31 10.39
C SER B 21 41.97 -1.12 9.89
N ASN B 22 41.19 -2.19 9.94
CA ASN B 22 39.81 -2.18 9.49
C ASN B 22 38.98 -2.99 10.49
N PHE B 23 37.74 -3.31 10.09
CA PHE B 23 36.82 -4.08 10.92
C PHE B 23 36.29 -5.27 10.14
N LEU B 24 36.27 -6.43 10.77
CA LEU B 24 35.76 -7.65 10.16
C LEU B 24 34.39 -7.97 10.76
N ASN B 25 33.36 -7.99 9.91
CA ASN B 25 31.99 -8.21 10.35
C ASN B 25 31.51 -9.59 9.92
N CYS B 26 30.83 -10.27 10.83
CA CYS B 26 30.15 -11.53 10.54
C CYS B 26 28.66 -11.32 10.86
N TYR B 27 27.88 -11.06 9.82
CA TYR B 27 26.46 -10.74 9.97
C TYR B 27 25.64 -12.02 9.81
N VAL B 28 24.96 -12.42 10.88
CA VAL B 28 24.09 -13.58 10.89
C VAL B 28 22.66 -13.09 11.00
N SER B 29 21.78 -13.62 10.15
CA SER B 29 20.40 -13.16 10.12
C SER B 29 19.49 -14.30 9.68
N GLY B 30 18.18 -14.08 9.84
CA GLY B 30 17.17 -15.02 9.38
C GLY B 30 17.24 -16.37 10.04
N PHE B 31 17.41 -16.41 11.36
CA PHE B 31 17.53 -17.66 12.08
C PHE B 31 16.54 -17.69 13.24
N HIS B 32 16.25 -18.91 13.69
CA HIS B 32 15.32 -19.14 14.79
C HIS B 32 15.51 -20.57 15.28
N PRO B 33 15.69 -20.75 16.61
CA PRO B 33 15.65 -19.76 17.69
C PRO B 33 16.92 -18.89 17.81
N SER B 34 17.05 -18.22 18.95
CA SER B 34 18.13 -17.24 19.12
C SER B 34 19.45 -17.87 19.52
N ASP B 35 19.42 -19.01 20.20
CA ASP B 35 20.65 -19.64 20.66
C ASP B 35 21.54 -20.02 19.48
N ILE B 36 22.73 -19.43 19.43
CA ILE B 36 23.63 -19.63 18.31
C ILE B 36 25.05 -19.33 18.77
N GLU B 37 26.00 -20.10 18.26
CA GLU B 37 27.42 -19.90 18.56
C GLU B 37 28.07 -19.24 17.35
N VAL B 38 28.69 -18.08 17.57
CA VAL B 38 29.37 -17.33 16.51
C VAL B 38 30.81 -17.09 16.96
N ASP B 39 31.76 -17.53 16.15
CA ASP B 39 33.18 -17.37 16.45
C ASP B 39 33.92 -16.90 15.20
N LEU B 40 34.85 -15.98 15.41
CA LEU B 40 35.68 -15.46 14.33
C LEU B 40 37.03 -16.16 14.34
N LEU B 41 37.49 -16.55 13.16
CA LEU B 41 38.69 -17.37 13.01
C LEU B 41 39.89 -16.52 12.60
N LYS B 42 40.99 -16.67 13.34
CA LYS B 42 42.25 -15.99 13.05
C LYS B 42 43.32 -17.05 12.79
N ASN B 43 43.74 -17.18 11.53
CA ASN B 43 44.75 -18.14 11.10
C ASN B 43 44.40 -19.58 11.50
N GLY B 44 43.12 -19.87 11.72
CA GLY B 44 42.68 -21.17 12.16
C GLY B 44 42.21 -21.21 13.60
N GLU B 45 42.57 -20.23 14.42
CA GLU B 45 42.17 -20.15 15.81
C GLU B 45 41.12 -19.06 16.00
N ARG B 46 40.61 -18.93 17.22
CA ARG B 46 39.50 -18.05 17.53
C ARG B 46 39.99 -16.68 18.00
N ILE B 47 39.30 -15.63 17.56
CA ILE B 47 39.53 -14.29 18.09
C ILE B 47 38.77 -14.13 19.40
N GLU B 48 39.47 -13.70 20.44
CA GLU B 48 38.87 -13.55 21.76
C GLU B 48 38.44 -12.13 22.07
N LYS B 49 38.68 -11.18 21.17
CA LYS B 49 38.27 -9.79 21.36
C LYS B 49 37.00 -9.46 20.59
N VAL B 50 36.18 -10.46 20.29
CA VAL B 50 35.01 -10.27 19.43
C VAL B 50 33.91 -9.58 20.21
N GLU B 51 33.38 -8.49 19.65
CA GLU B 51 32.22 -7.79 20.18
C GLU B 51 31.02 -8.07 19.30
N HIS B 52 29.84 -8.10 19.91
CA HIS B 52 28.61 -8.43 19.19
C HIS B 52 27.57 -7.35 19.42
N SER B 53 26.63 -7.25 18.47
CA SER B 53 25.53 -6.33 18.60
C SER B 53 24.45 -6.92 19.49
N ASP B 54 23.38 -6.15 19.71
CA ASP B 54 22.29 -6.58 20.55
C ASP B 54 21.27 -7.38 19.75
N LEU B 55 20.62 -8.33 20.42
CA LEU B 55 19.70 -9.24 19.75
C LEU B 55 18.45 -8.50 19.28
N SER B 56 18.15 -8.62 18.00
CA SER B 56 16.95 -8.04 17.41
C SER B 56 16.38 -9.02 16.40
N PHE B 57 15.24 -8.66 15.82
CA PHE B 57 14.58 -9.52 14.84
C PHE B 57 13.88 -8.64 13.81
N SER B 58 13.35 -9.29 12.77
CA SER B 58 12.72 -8.61 11.66
C SER B 58 11.21 -8.81 11.69
N LYS B 59 10.54 -8.38 10.62
CA LYS B 59 9.09 -8.54 10.53
C LYS B 59 8.69 -10.01 10.60
N ASP B 60 9.43 -10.87 9.91
CA ASP B 60 9.17 -12.31 9.94
C ASP B 60 9.56 -12.96 11.27
N TRP B 61 9.91 -12.16 12.28
CA TRP B 61 10.29 -12.60 13.62
C TRP B 61 11.58 -13.42 13.61
N SER B 62 12.34 -13.38 12.52
CA SER B 62 13.64 -14.04 12.46
C SER B 62 14.71 -13.10 13.01
N PHE B 63 15.59 -13.65 13.85
CA PHE B 63 16.58 -12.85 14.54
C PHE B 63 17.77 -12.53 13.63
N TYR B 64 18.54 -11.53 14.05
CA TYR B 64 19.78 -11.19 13.36
C TYR B 64 20.78 -10.65 14.37
N LEU B 65 22.06 -10.97 14.15
CA LEU B 65 23.14 -10.52 15.01
C LEU B 65 24.31 -10.04 14.15
N LEU B 66 25.08 -9.10 14.71
CA LEU B 66 26.25 -8.55 14.03
C LEU B 66 27.45 -8.71 14.96
N TYR B 67 28.38 -9.58 14.58
CA TYR B 67 29.62 -9.79 15.30
C TYR B 67 30.74 -9.08 14.57
N TYR B 68 31.49 -8.26 15.29
CA TYR B 68 32.51 -7.41 14.67
C TYR B 68 33.71 -7.28 15.60
N THR B 69 34.88 -7.09 15.00
CA THR B 69 36.11 -6.88 15.75
C THR B 69 37.07 -6.09 14.88
N GLU B 70 38.03 -5.44 15.54
CA GLU B 70 39.06 -4.67 14.85
C GLU B 70 40.22 -5.58 14.48
N PHE B 71 40.72 -5.42 13.26
CA PHE B 71 41.80 -6.27 12.77
C PHE B 71 42.57 -5.52 11.69
N THR B 72 43.68 -6.13 11.27
CA THR B 72 44.51 -5.59 10.19
C THR B 72 44.54 -6.59 9.04
N PRO B 73 43.94 -6.28 7.90
CA PRO B 73 43.88 -7.26 6.80
C PRO B 73 45.26 -7.60 6.26
N THR B 74 45.43 -8.86 5.86
CA THR B 74 46.67 -9.33 5.26
C THR B 74 46.34 -10.43 4.28
N GLU B 75 47.10 -10.49 3.19
CA GLU B 75 46.93 -11.58 2.24
C GLU B 75 47.42 -12.91 2.80
N LYS B 76 48.29 -12.89 3.81
CA LYS B 76 48.81 -14.13 4.37
C LYS B 76 47.87 -14.68 5.44
N ASP B 77 47.32 -13.82 6.28
CA ASP B 77 46.40 -14.23 7.33
C ASP B 77 45.02 -14.53 6.75
N GLU B 78 44.47 -15.68 7.12
CA GLU B 78 43.15 -16.10 6.67
C GLU B 78 42.13 -15.87 7.77
N TYR B 79 40.91 -15.52 7.37
CA TYR B 79 39.82 -15.24 8.29
C TYR B 79 38.55 -15.94 7.86
N ALA B 80 37.73 -16.28 8.84
CA ALA B 80 36.44 -16.93 8.60
C ALA B 80 35.58 -16.76 9.84
N CYS B 81 34.33 -17.19 9.74
CA CYS B 81 33.37 -17.08 10.84
C CYS B 81 32.73 -18.44 11.07
N ARG B 82 32.99 -19.02 12.24
CA ARG B 82 32.44 -20.31 12.62
C ARG B 82 31.11 -20.11 13.31
N VAL B 83 30.04 -20.61 12.70
CA VAL B 83 28.69 -20.45 13.22
C VAL B 83 28.10 -21.83 13.49
N ASN B 84 27.55 -22.01 14.69
CA ASN B 84 26.93 -23.26 15.09
C ASN B 84 25.49 -23.00 15.51
N HIS B 85 24.57 -23.79 14.98
CA HIS B 85 23.15 -23.62 15.26
C HIS B 85 22.47 -24.97 15.25
N VAL B 86 21.26 -25.02 15.81
CA VAL B 86 20.52 -26.27 15.86
C VAL B 86 20.12 -26.74 14.46
N THR B 87 19.91 -25.80 13.54
CA THR B 87 19.56 -26.17 12.18
C THR B 87 20.75 -26.72 11.40
N LEU B 88 21.96 -26.36 11.80
CA LEU B 88 23.17 -26.80 11.11
C LEU B 88 23.63 -28.13 11.69
N SER B 89 23.82 -29.12 10.82
CA SER B 89 24.29 -30.43 11.27
C SER B 89 25.68 -30.32 11.89
N GLN B 90 26.63 -29.77 11.14
CA GLN B 90 27.97 -29.52 11.62
C GLN B 90 28.23 -28.02 11.70
N PRO B 91 29.27 -27.60 12.42
CA PRO B 91 29.58 -26.17 12.50
C PRO B 91 29.95 -25.58 11.15
N LYS B 92 29.06 -24.75 10.60
CA LYS B 92 29.30 -24.16 9.29
C LYS B 92 30.31 -23.02 9.40
N ILE B 93 31.31 -23.03 8.51
CA ILE B 93 32.36 -22.02 8.49
C ILE B 93 32.33 -21.35 7.13
N VAL B 94 32.19 -20.02 7.13
CA VAL B 94 32.17 -19.23 5.91
C VAL B 94 33.46 -18.42 5.87
N LYS B 95 34.28 -18.69 4.85
CA LYS B 95 35.55 -17.98 4.70
C LYS B 95 35.31 -16.61 4.05
N TRP B 96 36.03 -15.62 4.55
CA TRP B 96 35.90 -14.26 4.03
C TRP B 96 36.57 -14.17 2.66
N ASP B 97 35.79 -13.80 1.64
CA ASP B 97 36.29 -13.61 0.29
C ASP B 97 36.54 -12.12 0.08
N ARG B 98 37.81 -11.72 0.05
CA ARG B 98 38.15 -10.31 -0.04
C ARG B 98 37.70 -9.71 -1.36
N ASP B 99 37.80 -10.48 -2.45
CA ASP B 99 37.48 -10.02 -3.79
C ASP B 99 36.17 -10.68 -4.24
N MET B 100 35.09 -9.89 -4.28
CA MET B 100 33.82 -10.37 -4.78
C MET B 100 32.87 -9.21 -5.07
N MET C 1 9.10 6.93 24.07
CA MET C 1 9.24 6.08 25.25
C MET C 1 8.47 4.77 25.11
N MET C 2 8.72 3.85 26.03
CA MET C 2 7.97 2.61 26.07
C MET C 2 6.59 2.83 26.65
N TRP C 3 5.77 1.78 26.63
CA TRP C 3 4.43 1.87 27.19
C TRP C 3 4.49 1.73 28.71
N ASP C 4 3.77 2.62 29.41
CA ASP C 4 3.75 2.60 30.86
C ASP C 4 2.70 1.65 31.42
N ARG C 5 1.61 1.46 30.72
CA ARG C 5 0.54 0.57 31.16
C ARG C 5 0.73 -0.82 30.53
N GLY C 6 -0.31 -1.64 30.54
CA GLY C 6 -0.23 -2.96 29.96
C GLY C 6 -1.56 -3.38 29.36
N LEU C 7 -1.51 -4.47 28.60
CA LEU C 7 -2.69 -5.05 27.97
C LEU C 7 -3.41 -6.05 28.85
N GLY C 8 -2.88 -6.34 30.04
CA GLY C 8 -3.45 -7.38 30.88
C GLY C 8 -2.66 -8.67 30.76
N MET C 9 -3.34 -9.81 30.91
CA MET C 9 -2.68 -11.10 30.80
C MET C 9 -3.25 -11.89 29.64
N MET C 10 -2.48 -12.87 29.18
CA MET C 10 -2.83 -13.70 28.03
C MET C 10 -4.05 -14.56 28.31
N GLY D 1 -5.42 -1.47 5.08
CA GLY D 1 -6.31 -1.51 3.94
C GLY D 1 -5.72 -0.87 2.70
N SER D 2 -6.35 -1.14 1.55
CA SER D 2 -5.88 -0.61 0.27
C SER D 2 -6.57 0.72 -0.02
N HIS D 3 -5.79 1.66 -0.56
CA HIS D 3 -6.30 2.97 -0.94
C HIS D 3 -5.73 3.36 -2.29
N SER D 4 -6.34 4.36 -2.91
CA SER D 4 -5.94 4.79 -4.24
C SER D 4 -6.34 6.24 -4.45
N MET D 5 -5.65 6.88 -5.39
CA MET D 5 -5.97 8.23 -5.84
C MET D 5 -5.92 8.25 -7.36
N ARG D 6 -6.94 8.85 -7.98
CA ARG D 6 -7.05 8.87 -9.42
C ARG D 6 -7.41 10.26 -9.90
N TYR D 7 -6.92 10.59 -11.11
CA TYR D 7 -7.27 11.81 -11.81
C TYR D 7 -7.78 11.44 -13.19
N PHE D 8 -8.90 12.02 -13.58
CA PHE D 8 -9.55 11.72 -14.86
C PHE D 8 -9.63 12.99 -15.69
N PHE D 9 -9.26 12.88 -16.97
CA PHE D 9 -9.23 14.02 -17.88
C PHE D 9 -9.94 13.65 -19.17
N THR D 10 -10.91 14.47 -19.56
CA THR D 10 -11.70 14.23 -20.76
C THR D 10 -11.81 15.53 -21.55
N SER D 11 -11.38 15.50 -22.80
CA SER D 11 -11.48 16.64 -23.70
C SER D 11 -12.16 16.17 -24.98
N VAL D 12 -13.28 16.81 -25.32
CA VAL D 12 -14.03 16.48 -26.53
C VAL D 12 -14.02 17.71 -27.44
N SER D 13 -13.55 17.52 -28.66
CA SER D 13 -13.45 18.63 -29.60
C SER D 13 -14.85 19.10 -30.01
N ARG D 14 -14.95 20.40 -30.28
CA ARG D 14 -16.22 21.04 -30.66
C ARG D 14 -16.03 21.73 -32.00
N PRO D 15 -16.37 21.07 -33.11
CA PRO D 15 -16.21 21.71 -34.43
C PRO D 15 -17.07 22.96 -34.55
N GLY D 16 -16.42 24.07 -34.85
CA GLY D 16 -17.11 25.32 -35.07
C GLY D 16 -17.66 25.91 -33.78
N ARG D 17 -17.22 25.39 -32.65
CA ARG D 17 -17.68 25.83 -31.35
C ARG D 17 -16.50 26.13 -30.42
N GLY D 18 -15.39 26.59 -30.98
CA GLY D 18 -14.26 27.00 -30.18
C GLY D 18 -13.39 25.84 -29.72
N GLU D 19 -12.73 26.04 -28.58
CA GLU D 19 -11.84 25.03 -28.03
C GLU D 19 -12.63 23.82 -27.55
N PRO D 20 -11.97 22.69 -27.33
CA PRO D 20 -12.68 21.51 -26.81
C PRO D 20 -13.15 21.71 -25.37
N ARG D 21 -14.08 20.85 -24.98
CA ARG D 21 -14.64 20.87 -23.63
C ARG D 21 -13.79 19.98 -22.73
N PHE D 22 -13.07 20.60 -21.79
CA PHE D 22 -12.17 19.90 -20.89
C PHE D 22 -12.80 19.80 -19.51
N ILE D 23 -12.80 18.60 -18.94
CA ILE D 23 -13.34 18.35 -17.60
C ILE D 23 -12.37 17.44 -16.86
N ALA D 24 -12.04 17.80 -15.62
CA ALA D 24 -11.12 17.03 -14.80
C ALA D 24 -11.71 16.83 -13.42
N VAL D 25 -11.54 15.62 -12.87
CA VAL D 25 -12.06 15.26 -11.56
C VAL D 25 -11.04 14.36 -10.87
N GLY D 26 -10.80 14.63 -9.58
CA GLY D 26 -9.89 13.83 -8.78
C GLY D 26 -10.65 13.01 -7.75
N TYR D 27 -10.10 11.85 -7.41
CA TYR D 27 -10.74 10.92 -6.50
C TYR D 27 -9.73 10.39 -5.49
N VAL D 28 -10.22 10.14 -4.27
CA VAL D 28 -9.51 9.34 -3.29
C VAL D 28 -10.37 8.10 -3.07
N ASP D 29 -9.94 6.98 -3.66
CA ASP D 29 -10.75 5.76 -3.73
C ASP D 29 -12.05 6.14 -4.46
N ASP D 30 -13.22 5.90 -3.89
CA ASP D 30 -14.49 6.25 -4.51
C ASP D 30 -15.05 7.58 -4.02
N THR D 31 -14.18 8.46 -3.51
CA THR D 31 -14.59 9.76 -2.97
C THR D 31 -13.92 10.86 -3.79
N GLN D 32 -14.74 11.73 -4.39
CA GLN D 32 -14.24 12.85 -5.18
C GLN D 32 -13.96 14.04 -4.27
N PHE D 33 -12.84 14.71 -4.53
CA PHE D 33 -12.47 15.84 -3.67
C PHE D 33 -12.15 17.09 -4.48
N VAL D 34 -11.65 16.92 -5.70
CA VAL D 34 -11.38 18.04 -6.59
C VAL D 34 -12.09 17.82 -7.93
N ARG D 35 -12.19 18.90 -8.69
CA ARG D 35 -12.96 18.93 -9.93
C ARG D 35 -12.70 20.25 -10.64
N PHE D 36 -12.67 20.19 -11.98
CA PHE D 36 -12.47 21.36 -12.82
C PHE D 36 -13.31 21.22 -14.09
N ASP D 37 -13.79 22.37 -14.59
CA ASP D 37 -14.56 22.42 -15.83
C ASP D 37 -14.10 23.63 -16.64
N SER D 38 -13.86 23.42 -17.94
CA SER D 38 -13.37 24.49 -18.79
C SER D 38 -14.44 25.52 -19.11
N ASP D 39 -15.72 25.14 -19.05
CA ASP D 39 -16.82 26.05 -19.35
C ASP D 39 -17.40 26.72 -18.11
N ALA D 40 -16.96 26.33 -16.91
CA ALA D 40 -17.49 26.93 -15.70
C ALA D 40 -17.01 28.37 -15.56
N ALA D 41 -17.83 29.18 -14.88
CA ALA D 41 -17.49 30.58 -14.67
C ALA D 41 -16.39 30.77 -13.64
N SER D 42 -16.16 29.77 -12.77
CA SER D 42 -15.11 29.91 -11.76
C SER D 42 -13.72 29.88 -12.41
N GLN D 43 -13.54 29.03 -13.42
CA GLN D 43 -12.26 28.89 -14.13
C GLN D 43 -11.11 28.55 -13.18
N ARG D 44 -11.42 27.84 -12.09
CA ARG D 44 -10.42 27.43 -11.12
C ARG D 44 -10.75 26.04 -10.60
N MET D 45 -9.78 25.42 -9.94
CA MET D 45 -10.01 24.14 -9.29
C MET D 45 -10.92 24.33 -8.09
N GLU D 46 -11.97 23.53 -8.01
CA GLU D 46 -12.95 23.72 -6.95
C GLU D 46 -12.99 22.51 -6.03
N PRO D 47 -13.22 22.71 -4.73
CA PRO D 47 -13.29 21.57 -3.81
C PRO D 47 -14.59 20.80 -3.96
N ARG D 48 -14.50 19.47 -3.82
CA ARG D 48 -15.67 18.60 -3.84
C ARG D 48 -15.70 17.70 -2.61
N ALA D 49 -15.06 18.10 -1.53
CA ALA D 49 -15.03 17.34 -0.28
C ALA D 49 -14.81 18.32 0.87
N PRO D 50 -15.34 18.01 2.06
CA PRO D 50 -15.12 18.93 3.19
C PRO D 50 -13.69 18.94 3.69
N TRP D 51 -13.03 17.78 3.72
CA TRP D 51 -11.68 17.69 4.26
C TRP D 51 -10.62 18.26 3.32
N ILE D 52 -10.98 18.59 2.07
CA ILE D 52 -10.02 19.18 1.15
C ILE D 52 -10.04 20.69 1.17
N GLU D 53 -11.06 21.31 1.77
CA GLU D 53 -11.13 22.76 1.85
C GLU D 53 -10.10 23.36 2.79
N GLN D 54 -9.40 22.54 3.58
CA GLN D 54 -8.43 23.05 4.53
C GLN D 54 -7.19 23.61 3.83
N GLU D 55 -6.93 23.22 2.59
CA GLU D 55 -5.73 23.66 1.89
C GLU D 55 -5.74 25.17 1.68
N GLY D 56 -4.55 25.76 1.72
CA GLY D 56 -4.40 27.20 1.60
C GLY D 56 -4.42 27.68 0.16
N PRO D 57 -4.07 28.96 -0.04
CA PRO D 57 -4.13 29.51 -1.40
C PRO D 57 -3.03 28.99 -2.31
N GLU D 58 -1.86 28.63 -1.77
CA GLU D 58 -0.80 28.08 -2.62
C GLU D 58 -1.24 26.76 -3.25
N TYR D 59 -2.08 25.99 -2.56
CA TYR D 59 -2.55 24.73 -3.11
C TYR D 59 -3.47 24.96 -4.30
N TRP D 60 -4.43 25.89 -4.16
CA TRP D 60 -5.45 26.06 -5.19
C TRP D 60 -4.91 26.78 -6.43
N ASP D 61 -4.13 27.84 -6.24
CA ASP D 61 -3.56 28.55 -7.39
C ASP D 61 -2.53 27.70 -8.11
N GLY D 62 -1.92 26.74 -7.44
CA GLY D 62 -0.98 25.85 -8.08
C GLY D 62 -1.65 24.77 -8.92
N GLU D 63 -2.74 24.21 -8.42
CA GLU D 63 -3.46 23.19 -9.16
C GLU D 63 -4.28 23.77 -10.30
N THR D 64 -4.77 25.02 -10.14
CA THR D 64 -5.46 25.67 -11.24
C THR D 64 -4.52 25.91 -12.41
N ARG D 65 -3.27 26.28 -12.12
CA ARG D 65 -2.27 26.43 -13.17
C ARG D 65 -1.98 25.09 -13.85
N LYS D 66 -1.96 24.00 -13.08
CA LYS D 66 -1.63 22.70 -13.64
C LYS D 66 -2.81 22.06 -14.36
N VAL D 67 -4.05 22.37 -13.95
CA VAL D 67 -5.21 21.78 -14.62
C VAL D 67 -5.39 22.42 -15.99
N LYS D 68 -4.93 23.66 -16.17
CA LYS D 68 -4.90 24.28 -17.49
C LYS D 68 -3.71 23.82 -18.30
N ALA D 69 -2.64 23.37 -17.65
CA ALA D 69 -1.54 22.75 -18.38
C ALA D 69 -1.97 21.40 -18.95
N HIS D 70 -2.81 20.66 -18.22
CA HIS D 70 -3.39 19.45 -18.77
C HIS D 70 -4.42 19.76 -19.85
N SER D 71 -5.15 20.87 -19.70
CA SER D 71 -6.11 21.26 -20.73
C SER D 71 -5.41 21.69 -22.00
N GLN D 72 -4.36 22.51 -21.89
CA GLN D 72 -3.59 22.90 -23.05
C GLN D 72 -2.89 21.70 -23.67
N THR D 73 -2.50 20.73 -22.86
CA THR D 73 -1.87 19.51 -23.39
C THR D 73 -2.85 18.70 -24.21
N HIS D 74 -4.04 18.45 -23.66
CA HIS D 74 -5.02 17.61 -24.36
C HIS D 74 -5.47 18.25 -25.67
N ARG D 75 -5.52 19.58 -25.73
CA ARG D 75 -5.96 20.24 -26.95
C ARG D 75 -4.94 20.03 -28.08
N VAL D 76 -3.65 20.02 -27.74
CA VAL D 76 -2.63 19.76 -28.76
C VAL D 76 -2.61 18.29 -29.13
N ASP D 77 -2.90 17.39 -28.18
CA ASP D 77 -2.95 15.97 -28.49
C ASP D 77 -4.06 15.63 -29.46
N LEU D 78 -5.12 16.45 -29.51
CA LEU D 78 -6.22 16.19 -30.42
C LEU D 78 -5.80 16.42 -31.87
N GLY D 79 -5.10 17.52 -32.14
CA GLY D 79 -4.67 17.79 -33.50
C GLY D 79 -3.66 16.78 -34.02
N THR D 80 -2.77 16.31 -33.16
CA THR D 80 -1.80 15.30 -33.56
C THR D 80 -2.49 13.97 -33.85
N LEU D 81 -3.39 13.54 -32.97
CA LEU D 81 -4.10 12.29 -33.19
C LEU D 81 -4.99 12.37 -34.42
N ARG D 82 -5.60 13.54 -34.66
CA ARG D 82 -6.42 13.70 -35.85
C ARG D 82 -5.60 13.50 -37.12
N GLY D 83 -4.36 13.99 -37.13
CA GLY D 83 -3.47 13.72 -38.24
C GLY D 83 -2.98 12.29 -38.28
N TYR D 84 -2.94 11.63 -37.12
CA TYR D 84 -2.50 10.23 -37.08
C TYR D 84 -3.52 9.31 -37.75
N TYR D 85 -4.79 9.70 -37.76
CA TYR D 85 -5.85 8.88 -38.36
C TYR D 85 -6.45 9.52 -39.60
N ASN D 86 -5.99 10.70 -39.99
CA ASN D 86 -6.44 11.37 -41.21
C ASN D 86 -7.96 11.53 -41.23
N GLN D 87 -8.43 12.37 -40.30
CA GLN D 87 -9.85 12.59 -40.08
C GLN D 87 -10.26 13.97 -40.56
N SER D 88 -11.53 14.11 -40.91
CA SER D 88 -12.03 15.37 -41.42
C SER D 88 -12.21 16.38 -40.29
N GLU D 89 -11.95 17.65 -40.60
CA GLU D 89 -11.93 18.70 -39.59
C GLU D 89 -13.31 19.11 -39.12
N ALA D 90 -14.37 18.42 -39.55
CA ALA D 90 -15.74 18.75 -39.18
C ALA D 90 -16.31 17.82 -38.12
N GLY D 91 -15.55 16.82 -37.69
CA GLY D 91 -16.01 15.83 -36.74
C GLY D 91 -15.47 16.07 -35.34
N SER D 92 -16.27 15.68 -34.34
CA SER D 92 -15.87 15.82 -32.94
C SER D 92 -15.21 14.54 -32.46
N HIS D 93 -14.18 14.69 -31.64
CA HIS D 93 -13.42 13.55 -31.14
C HIS D 93 -13.15 13.74 -29.65
N THR D 94 -12.81 12.63 -29.00
CA THR D 94 -12.66 12.60 -27.54
C THR D 94 -11.32 11.99 -27.18
N VAL D 95 -10.58 12.67 -26.30
CA VAL D 95 -9.35 12.14 -25.71
C VAL D 95 -9.55 12.01 -24.22
N GLN D 96 -9.15 10.87 -23.67
CA GLN D 96 -9.34 10.58 -22.25
C GLN D 96 -8.00 10.14 -21.65
N ARG D 97 -7.77 10.55 -20.41
CA ARG D 97 -6.51 10.30 -19.72
C ARG D 97 -6.77 10.03 -18.26
N MET D 98 -6.05 9.05 -17.70
CA MET D 98 -6.21 8.68 -16.31
C MET D 98 -4.88 8.19 -15.77
N TYR D 99 -4.53 8.63 -14.56
CA TYR D 99 -3.33 8.15 -13.89
C TYR D 99 -3.55 8.24 -12.38
N GLY D 100 -2.68 7.55 -11.65
CA GLY D 100 -2.76 7.55 -10.20
C GLY D 100 -1.89 6.47 -9.62
N CYS D 101 -1.90 6.41 -8.29
CA CYS D 101 -1.09 5.45 -7.55
C CYS D 101 -1.97 4.71 -6.54
N ASP D 102 -1.50 3.53 -6.13
CA ASP D 102 -2.18 2.72 -5.14
C ASP D 102 -1.31 2.54 -3.92
N VAL D 103 -1.94 2.19 -2.80
CA VAL D 103 -1.27 2.05 -1.51
C VAL D 103 -1.83 0.84 -0.79
N GLY D 104 -0.95 -0.01 -0.28
CA GLY D 104 -1.35 -1.23 0.43
C GLY D 104 -1.44 -1.01 1.92
N SER D 105 -1.16 -2.09 2.67
CA SER D 105 -1.24 -2.03 4.12
C SER D 105 -0.06 -1.28 4.73
N ASP D 106 1.12 -1.36 4.12
CA ASP D 106 2.30 -0.69 4.65
C ASP D 106 2.27 0.81 4.41
N TRP D 107 1.20 1.36 3.83
CA TRP D 107 1.03 2.78 3.57
C TRP D 107 2.05 3.34 2.58
N ARG D 108 2.74 2.48 1.85
CA ARG D 108 3.71 2.92 0.85
C ARG D 108 3.24 2.50 -0.54
N PHE D 109 4.01 2.91 -1.55
CA PHE D 109 3.63 2.70 -2.94
C PHE D 109 3.46 1.22 -3.23
N LEU D 110 2.33 0.87 -3.82
CA LEU D 110 2.04 -0.51 -4.22
C LEU D 110 1.99 -0.66 -5.74
N ARG D 111 1.07 0.05 -6.40
CA ARG D 111 0.93 0.00 -7.85
C ARG D 111 0.81 1.40 -8.40
N GLY D 112 1.28 1.59 -9.63
CA GLY D 112 1.16 2.86 -10.31
C GLY D 112 0.74 2.65 -11.75
N TYR D 113 -0.01 3.63 -12.27
CA TYR D 113 -0.58 3.49 -13.60
C TYR D 113 -0.77 4.87 -14.24
N HIS D 114 -0.83 4.87 -15.57
CA HIS D 114 -1.08 6.07 -16.35
C HIS D 114 -1.58 5.63 -17.72
N GLN D 115 -2.80 6.02 -18.08
CA GLN D 115 -3.44 5.51 -19.28
C GLN D 115 -4.01 6.66 -20.10
N TYR D 116 -4.04 6.44 -21.42
CA TYR D 116 -4.64 7.35 -22.37
C TYR D 116 -5.69 6.61 -23.21
N ALA D 117 -6.58 7.37 -23.82
CA ALA D 117 -7.61 6.80 -24.66
C ALA D 117 -8.11 7.84 -25.64
N TYR D 118 -8.23 7.47 -26.91
CA TYR D 118 -8.71 8.34 -27.97
C TYR D 118 -10.03 7.81 -28.49
N ASP D 119 -11.09 8.60 -28.34
CA ASP D 119 -12.43 8.23 -28.76
C ASP D 119 -12.88 6.92 -28.12
N GLY D 120 -12.55 6.74 -26.85
CA GLY D 120 -12.99 5.59 -26.06
C GLY D 120 -12.04 4.41 -26.02
N LYS D 121 -11.45 4.05 -27.16
CA LYS D 121 -10.60 2.87 -27.24
C LYS D 121 -9.22 3.16 -26.70
N ASP D 122 -8.54 2.11 -26.25
CA ASP D 122 -7.22 2.28 -25.66
C ASP D 122 -6.25 2.86 -26.68
N TYR D 123 -5.34 3.70 -26.20
CA TYR D 123 -4.29 4.26 -27.05
C TYR D 123 -2.92 3.86 -26.53
N ILE D 124 -2.47 4.44 -25.42
CA ILE D 124 -1.17 4.10 -24.84
C ILE D 124 -1.35 3.94 -23.34
N ALA D 125 -0.58 3.03 -22.74
CA ALA D 125 -0.66 2.77 -21.32
C ALA D 125 0.69 2.33 -20.79
N LEU D 126 1.05 2.83 -19.61
CA LEU D 126 2.31 2.49 -18.99
C LEU D 126 2.20 1.13 -18.28
N LYS D 127 3.17 0.26 -18.52
CA LYS D 127 3.12 -1.10 -18.02
C LYS D 127 3.30 -1.12 -16.50
N GLU D 128 3.22 -2.33 -15.93
CA GLU D 128 3.46 -2.48 -14.50
C GLU D 128 4.92 -2.30 -14.12
N ASP D 129 5.84 -2.47 -15.08
CA ASP D 129 7.26 -2.29 -14.81
C ASP D 129 7.63 -0.83 -14.58
N LEU D 130 6.69 0.10 -14.77
CA LEU D 130 6.84 1.54 -14.52
C LEU D 130 7.87 2.21 -15.42
N ARG D 131 8.30 1.54 -16.49
CA ARG D 131 9.33 2.09 -17.37
C ARG D 131 9.02 1.99 -18.85
N SER D 132 8.20 1.04 -19.29
CA SER D 132 7.83 0.89 -20.69
C SER D 132 6.35 1.21 -20.86
N TRP D 133 5.90 1.16 -22.12
CA TRP D 133 4.54 1.53 -22.47
C TRP D 133 3.88 0.40 -23.26
N THR D 134 2.57 0.51 -23.44
CA THR D 134 1.79 -0.45 -24.20
C THR D 134 1.00 0.32 -25.25
N ALA D 135 1.45 0.26 -26.50
CA ALA D 135 0.78 0.94 -27.60
C ALA D 135 -0.29 0.04 -28.19
N ALA D 136 -1.49 0.58 -28.36
CA ALA D 136 -2.61 -0.21 -28.85
C ALA D 136 -2.54 -0.40 -30.37
N ASP D 137 -2.46 0.69 -31.11
CA ASP D 137 -2.41 0.65 -32.56
C ASP D 137 -1.04 1.14 -33.05
N MET D 138 -0.91 1.23 -34.38
CA MET D 138 0.35 1.68 -34.97
C MET D 138 0.58 3.17 -34.70
N ALA D 139 -0.49 3.95 -34.60
CA ALA D 139 -0.33 5.37 -34.30
C ALA D 139 0.19 5.59 -32.89
N ALA D 140 -0.14 4.69 -31.96
CA ALA D 140 0.34 4.81 -30.59
C ALA D 140 1.81 4.42 -30.46
N GLN D 141 2.29 3.53 -31.35
CA GLN D 141 3.71 3.20 -31.34
C GLN D 141 4.56 4.39 -31.75
N THR D 142 4.04 5.26 -32.62
CA THR D 142 4.74 6.50 -32.94
C THR D 142 4.88 7.38 -31.71
N THR D 143 3.81 7.46 -30.90
CA THR D 143 3.88 8.24 -29.67
C THR D 143 4.82 7.59 -28.66
N LYS D 144 4.91 6.26 -28.65
CA LYS D 144 5.85 5.58 -27.77
C LYS D 144 7.29 5.88 -28.16
N HIS D 145 7.57 5.93 -29.47
CA HIS D 145 8.93 6.21 -29.93
C HIS D 145 9.42 7.57 -29.43
N LYS D 146 8.55 8.58 -29.47
CA LYS D 146 8.95 9.90 -29.01
C LYS D 146 9.06 9.97 -27.49
N TRP D 147 8.28 9.15 -26.79
CA TRP D 147 8.30 9.18 -25.33
C TRP D 147 9.42 8.32 -24.75
N GLU D 148 9.80 7.24 -25.43
CA GLU D 148 10.93 6.45 -24.95
C GLU D 148 12.26 7.11 -25.28
N ALA D 149 12.30 7.91 -26.34
CA ALA D 149 13.51 8.66 -26.67
C ALA D 149 13.65 9.91 -25.82
N ALA D 150 12.53 10.45 -25.33
CA ALA D 150 12.55 11.61 -24.45
C ALA D 150 12.70 11.23 -22.98
N HIS D 151 12.54 9.94 -22.65
CA HIS D 151 12.67 9.46 -21.27
C HIS D 151 11.73 10.21 -20.33
N VAL D 152 10.49 10.41 -20.77
CA VAL D 152 9.51 11.14 -19.98
C VAL D 152 8.86 10.29 -18.89
N ALA D 153 9.12 8.99 -18.87
CA ALA D 153 8.63 8.13 -17.80
C ALA D 153 9.39 8.32 -16.50
N GLU D 154 10.57 8.94 -16.54
CA GLU D 154 11.34 9.16 -15.33
C GLU D 154 10.62 10.11 -14.39
N GLN D 155 10.14 11.25 -14.91
CA GLN D 155 9.38 12.18 -14.09
C GLN D 155 8.08 11.57 -13.59
N LEU D 156 7.50 10.65 -14.37
CA LEU D 156 6.28 9.98 -13.93
C LEU D 156 6.56 9.07 -12.75
N ARG D 157 7.62 8.26 -12.85
CA ARG D 157 8.04 7.46 -11.70
C ARG D 157 8.43 8.35 -10.52
N ALA D 158 9.03 9.50 -10.79
CA ALA D 158 9.32 10.45 -9.72
C ALA D 158 8.05 11.05 -9.13
N TYR D 159 6.96 11.05 -9.90
CA TYR D 159 5.68 11.57 -9.43
C TYR D 159 4.80 10.47 -8.83
N LEU D 160 4.72 9.31 -9.49
CA LEU D 160 3.87 8.23 -8.99
C LEU D 160 4.44 7.64 -7.70
N GLU D 161 5.74 7.37 -7.68
CA GLU D 161 6.38 6.85 -6.47
C GLU D 161 6.64 7.91 -5.42
N GLY D 162 6.48 9.19 -5.76
CA GLY D 162 6.76 10.25 -4.80
C GLY D 162 5.58 11.16 -4.50
N THR D 163 5.36 12.14 -5.38
CA THR D 163 4.33 13.16 -5.14
C THR D 163 2.95 12.54 -4.98
N CYS D 164 2.66 11.48 -5.73
CA CYS D 164 1.35 10.86 -5.66
C CYS D 164 1.11 10.23 -4.28
N VAL D 165 1.99 9.32 -3.88
CA VAL D 165 1.77 8.60 -2.62
C VAL D 165 1.95 9.52 -1.42
N GLU D 166 2.83 10.52 -1.53
CA GLU D 166 3.09 11.39 -0.40
C GLU D 166 1.87 12.23 -0.05
N TRP D 167 1.14 12.70 -1.07
CA TRP D 167 -0.08 13.45 -0.84
C TRP D 167 -1.30 12.57 -0.69
N LEU D 168 -1.25 11.32 -1.16
CA LEU D 168 -2.32 10.38 -0.89
C LEU D 168 -2.39 10.02 0.58
N ARG D 169 -1.24 9.77 1.20
CA ARG D 169 -1.19 9.56 2.65
C ARG D 169 -1.67 10.80 3.39
N ARG D 170 -1.40 11.99 2.85
CA ARG D 170 -1.85 13.22 3.48
C ARG D 170 -3.37 13.32 3.46
N TYR D 171 -3.99 13.00 2.32
CA TYR D 171 -5.44 13.09 2.22
C TYR D 171 -6.14 12.09 3.13
N LEU D 172 -5.53 10.92 3.34
CA LEU D 172 -6.12 9.93 4.25
C LEU D 172 -6.11 10.40 5.69
N GLU D 173 -5.34 11.43 6.02
CA GLU D 173 -5.32 11.98 7.37
C GLU D 173 -6.30 13.13 7.55
N ASN D 174 -6.54 13.92 6.50
CA ASN D 174 -7.41 15.07 6.64
C ASN D 174 -8.88 14.67 6.75
N GLY D 175 -9.25 13.52 6.20
CA GLY D 175 -10.61 13.06 6.27
C GLY D 175 -10.71 11.59 6.60
N LYS D 176 -10.02 11.18 7.68
CA LYS D 176 -9.95 9.76 8.02
C LYS D 176 -11.30 9.20 8.40
N GLU D 177 -12.18 10.01 9.00
CA GLU D 177 -13.51 9.55 9.33
C GLU D 177 -14.35 9.31 8.08
N THR D 178 -14.04 10.01 6.99
CA THR D 178 -14.78 9.85 5.75
C THR D 178 -14.09 8.89 4.78
N LEU D 179 -12.76 8.76 4.86
CA LEU D 179 -12.00 7.93 3.94
C LEU D 179 -11.67 6.56 4.50
N GLN D 180 -11.22 6.48 5.75
CA GLN D 180 -10.88 5.21 6.39
C GLN D 180 -12.10 4.48 6.93
N ARG D 181 -13.28 4.70 6.34
CA ARG D 181 -14.50 4.07 6.79
C ARG D 181 -14.78 2.81 5.98
N THR D 182 -15.54 1.90 6.59
CA THR D 182 -16.07 0.73 5.88
C THR D 182 -17.49 0.48 6.38
N ASP D 183 -18.46 0.74 5.51
CA ASP D 183 -19.87 0.62 5.87
C ASP D 183 -20.42 -0.69 5.32
N ALA D 184 -21.03 -1.47 6.20
CA ALA D 184 -21.57 -2.76 5.78
C ALA D 184 -22.84 -2.55 4.97
N PRO D 185 -23.06 -3.33 3.92
CA PRO D 185 -24.28 -3.18 3.12
C PRO D 185 -25.51 -3.63 3.90
N LYS D 186 -26.62 -2.94 3.64
CA LYS D 186 -27.92 -3.27 4.23
C LYS D 186 -28.67 -4.14 3.22
N THR D 187 -28.46 -5.44 3.31
CA THR D 187 -28.96 -6.38 2.31
C THR D 187 -30.36 -6.87 2.66
N HIS D 188 -31.18 -7.06 1.62
CA HIS D 188 -32.48 -7.69 1.76
C HIS D 188 -32.90 -8.16 0.37
N MET D 189 -34.03 -8.87 0.32
CA MET D 189 -34.52 -9.44 -0.92
C MET D 189 -36.03 -9.26 -1.00
N THR D 190 -36.52 -9.04 -2.21
CA THR D 190 -37.93 -8.76 -2.45
C THR D 190 -38.54 -9.83 -3.36
N HIS D 191 -39.85 -10.01 -3.22
CA HIS D 191 -40.61 -10.96 -4.03
C HIS D 191 -41.75 -10.22 -4.70
N HIS D 192 -41.92 -10.46 -6.00
CA HIS D 192 -42.99 -9.82 -6.78
C HIS D 192 -43.48 -10.81 -7.83
N ALA D 193 -44.74 -11.22 -7.71
CA ALA D 193 -45.32 -12.16 -8.66
C ALA D 193 -45.53 -11.48 -10.00
N VAL D 194 -44.89 -12.01 -11.04
CA VAL D 194 -45.01 -11.46 -12.39
C VAL D 194 -46.09 -12.16 -13.19
N SER D 195 -46.15 -13.49 -13.12
CA SER D 195 -47.14 -14.25 -13.88
C SER D 195 -47.72 -15.32 -12.95
N ASP D 196 -48.53 -16.21 -13.54
CA ASP D 196 -49.25 -17.20 -12.76
C ASP D 196 -48.30 -18.17 -12.07
N HIS D 197 -47.16 -18.48 -12.69
CA HIS D 197 -46.22 -19.45 -12.17
C HIS D 197 -44.79 -18.94 -12.22
N GLU D 198 -44.60 -17.62 -12.17
CA GLU D 198 -43.26 -17.05 -12.16
C GLU D 198 -43.26 -15.73 -11.40
N ALA D 199 -42.17 -15.46 -10.71
CA ALA D 199 -42.03 -14.24 -9.92
C ALA D 199 -40.58 -13.77 -9.96
N THR D 200 -40.39 -12.47 -9.75
CA THR D 200 -39.08 -11.85 -9.78
C THR D 200 -38.55 -11.68 -8.36
N LEU D 201 -37.33 -12.16 -8.13
CA LEU D 201 -36.66 -12.05 -6.84
C LEU D 201 -35.49 -11.09 -7.00
N ARG D 202 -35.58 -9.94 -6.33
CA ARG D 202 -34.57 -8.89 -6.44
C ARG D 202 -33.78 -8.81 -5.14
N CYS D 203 -32.49 -9.13 -5.21
CA CYS D 203 -31.60 -9.06 -4.06
C CYS D 203 -31.01 -7.67 -3.95
N TRP D 204 -31.08 -7.08 -2.75
CA TRP D 204 -30.67 -5.70 -2.54
C TRP D 204 -29.40 -5.62 -1.70
N ALA D 205 -28.70 -4.51 -1.86
CA ALA D 205 -27.51 -4.20 -1.07
C ALA D 205 -27.39 -2.68 -1.02
N LEU D 206 -27.64 -2.09 0.15
CA LEU D 206 -27.76 -0.65 0.28
C LEU D 206 -26.78 -0.13 1.32
N SER D 207 -26.35 1.12 1.12
CA SER D 207 -25.53 1.85 2.08
C SER D 207 -24.25 1.11 2.43
N PHE D 208 -23.42 0.89 1.40
CA PHE D 208 -22.14 0.22 1.56
C PHE D 208 -21.03 1.10 1.00
N TYR D 209 -19.83 0.91 1.56
CA TYR D 209 -18.65 1.65 1.12
C TYR D 209 -17.40 0.84 1.43
N PRO D 210 -16.49 0.71 0.45
CA PRO D 210 -16.51 1.30 -0.89
C PRO D 210 -17.48 0.62 -1.85
N ALA D 211 -17.42 1.01 -3.13
CA ALA D 211 -18.36 0.51 -4.12
C ALA D 211 -18.10 -0.93 -4.55
N GLU D 212 -16.90 -1.44 -4.33
CA GLU D 212 -16.57 -2.81 -4.73
C GLU D 212 -17.39 -3.79 -3.90
N ILE D 213 -18.22 -4.59 -4.58
CA ILE D 213 -19.10 -5.54 -3.92
C ILE D 213 -19.43 -6.64 -4.90
N THR D 214 -19.82 -7.81 -4.38
CA THR D 214 -20.09 -8.99 -5.20
C THR D 214 -21.45 -9.55 -4.82
N LEU D 215 -22.45 -9.35 -5.68
CA LEU D 215 -23.78 -9.91 -5.51
C LEU D 215 -24.01 -10.97 -6.59
N THR D 216 -24.30 -12.20 -6.16
CA THR D 216 -24.54 -13.29 -7.09
C THR D 216 -25.75 -14.10 -6.64
N TRP D 217 -26.41 -14.71 -7.60
CA TRP D 217 -27.54 -15.60 -7.36
C TRP D 217 -27.11 -17.04 -7.61
N GLN D 218 -27.64 -17.96 -6.80
CA GLN D 218 -27.33 -19.37 -6.93
C GLN D 218 -28.61 -20.19 -6.73
N ARG D 219 -28.75 -21.24 -7.54
CA ARG D 219 -29.87 -22.18 -7.43
C ARG D 219 -29.29 -23.53 -7.05
N ASP D 220 -29.44 -23.90 -5.78
CA ASP D 220 -28.93 -25.16 -5.23
C ASP D 220 -27.42 -25.30 -5.37
N GLY D 221 -26.71 -24.20 -5.61
CA GLY D 221 -25.27 -24.19 -5.69
C GLY D 221 -24.70 -23.72 -7.01
N GLU D 222 -25.48 -23.79 -8.10
CA GLU D 222 -25.00 -23.42 -9.42
C GLU D 222 -25.47 -22.00 -9.74
N ASP D 223 -24.52 -21.10 -9.93
CA ASP D 223 -24.83 -19.70 -10.21
C ASP D 223 -25.50 -19.57 -11.58
N GLN D 224 -26.22 -18.47 -11.75
CA GLN D 224 -26.92 -18.20 -13.00
C GLN D 224 -26.01 -17.38 -13.91
N THR D 225 -25.81 -17.87 -15.13
CA THR D 225 -24.87 -17.27 -16.07
C THR D 225 -25.21 -15.80 -16.31
N GLN D 226 -26.18 -15.55 -17.20
CA GLN D 226 -26.69 -14.21 -17.41
C GLN D 226 -28.14 -14.05 -17.01
N ASP D 227 -28.82 -15.13 -16.62
CA ASP D 227 -30.22 -15.03 -16.19
C ASP D 227 -30.39 -13.96 -15.12
N THR D 228 -29.37 -13.79 -14.27
CA THR D 228 -29.41 -12.72 -13.27
C THR D 228 -29.21 -11.37 -13.95
N GLU D 229 -30.11 -10.42 -13.66
CA GLU D 229 -29.97 -9.05 -14.17
C GLU D 229 -29.20 -8.24 -13.15
N LEU D 230 -27.91 -8.05 -13.38
CA LEU D 230 -27.07 -7.24 -12.52
C LEU D 230 -27.02 -5.81 -13.05
N VAL D 231 -27.18 -4.84 -12.15
CA VAL D 231 -27.07 -3.44 -12.49
C VAL D 231 -25.77 -2.90 -11.95
N GLU D 232 -25.28 -1.84 -12.59
CA GLU D 232 -24.03 -1.23 -12.19
C GLU D 232 -24.17 -0.61 -10.80
N THR D 233 -23.06 -0.59 -10.06
CA THR D 233 -23.06 0.03 -8.74
C THR D 233 -23.36 1.52 -8.87
N ARG D 234 -24.48 1.96 -8.29
CA ARG D 234 -24.93 3.33 -8.43
C ARG D 234 -24.72 4.10 -7.13
N PRO D 235 -24.36 5.38 -7.23
CA PRO D 235 -24.16 6.18 -6.01
C PRO D 235 -25.43 6.91 -5.58
N ALA D 236 -25.82 6.75 -4.31
CA ALA D 236 -26.99 7.45 -3.82
C ALA D 236 -26.73 8.94 -3.63
N GLY D 237 -25.47 9.37 -3.67
CA GLY D 237 -25.10 10.75 -3.45
C GLY D 237 -24.64 11.07 -2.05
N ASP D 238 -24.73 10.13 -1.12
CA ASP D 238 -24.32 10.32 0.26
C ASP D 238 -22.95 9.72 0.55
N GLY D 239 -22.21 9.31 -0.47
CA GLY D 239 -20.94 8.65 -0.28
C GLY D 239 -21.06 7.15 -0.45
N THR D 240 -22.11 6.56 0.11
CA THR D 240 -22.35 5.14 -0.04
C THR D 240 -22.96 4.85 -1.41
N PHE D 241 -23.21 3.56 -1.68
CA PHE D 241 -23.66 3.14 -3.00
C PHE D 241 -24.79 2.14 -2.87
N GLN D 242 -25.40 1.81 -4.01
CA GLN D 242 -26.49 0.86 -4.08
C GLN D 242 -26.27 -0.06 -5.28
N LYS D 243 -26.82 -1.27 -5.18
CA LYS D 243 -26.69 -2.26 -6.24
C LYS D 243 -27.63 -3.41 -5.95
N TRP D 244 -28.32 -3.89 -6.99
CA TRP D 244 -29.24 -4.99 -6.84
C TRP D 244 -29.13 -5.95 -8.02
N ALA D 245 -29.49 -7.20 -7.77
CA ALA D 245 -29.58 -8.24 -8.78
C ALA D 245 -30.96 -8.88 -8.74
N ALA D 246 -31.40 -9.42 -9.87
CA ALA D 246 -32.74 -9.97 -9.94
C ALA D 246 -32.77 -11.20 -10.84
N VAL D 247 -33.58 -12.18 -10.44
CA VAL D 247 -33.82 -13.38 -11.23
C VAL D 247 -35.32 -13.68 -11.20
N VAL D 248 -35.89 -14.01 -12.36
CA VAL D 248 -37.27 -14.43 -12.43
C VAL D 248 -37.35 -15.91 -12.08
N VAL D 249 -38.16 -16.24 -11.08
CA VAL D 249 -38.18 -17.58 -10.52
C VAL D 249 -39.58 -18.17 -10.64
N PRO D 250 -39.72 -19.44 -11.04
CA PRO D 250 -41.04 -20.08 -11.02
C PRO D 250 -41.62 -20.10 -9.62
N SER D 251 -42.89 -19.70 -9.52
CA SER D 251 -43.56 -19.64 -8.23
C SER D 251 -43.62 -21.02 -7.57
N GLY D 252 -43.00 -21.13 -6.41
CA GLY D 252 -42.92 -22.39 -5.68
C GLY D 252 -41.51 -22.94 -5.54
N GLN D 253 -40.52 -22.36 -6.23
CA GLN D 253 -39.14 -22.82 -6.17
C GLN D 253 -38.21 -21.75 -5.61
N GLU D 254 -38.75 -20.83 -4.82
CA GLU D 254 -37.94 -19.75 -4.27
C GLU D 254 -37.00 -20.22 -3.17
N GLN D 255 -37.29 -21.37 -2.55
CA GLN D 255 -36.44 -21.86 -1.47
C GLN D 255 -35.10 -22.37 -1.97
N ARG D 256 -34.98 -22.67 -3.27
CA ARG D 256 -33.72 -23.15 -3.82
C ARG D 256 -32.76 -22.01 -4.14
N TYR D 257 -33.29 -20.84 -4.46
CA TYR D 257 -32.46 -19.71 -4.84
C TYR D 257 -31.90 -19.02 -3.61
N THR D 258 -30.64 -18.59 -3.71
CA THR D 258 -29.95 -17.94 -2.60
C THR D 258 -29.07 -16.84 -3.15
N CYS D 259 -29.14 -15.66 -2.52
CA CYS D 259 -28.30 -14.53 -2.89
C CYS D 259 -27.08 -14.48 -1.98
N HIS D 260 -25.94 -14.10 -2.56
CA HIS D 260 -24.68 -14.07 -1.85
C HIS D 260 -24.05 -12.70 -2.02
N VAL D 261 -23.79 -12.01 -0.91
CA VAL D 261 -23.20 -10.68 -0.90
C VAL D 261 -21.82 -10.78 -0.27
N GLN D 262 -20.80 -10.35 -1.01
CA GLN D 262 -19.42 -10.37 -0.55
C GLN D 262 -18.90 -8.94 -0.50
N HIS D 263 -18.54 -8.47 0.69
CA HIS D 263 -18.04 -7.12 0.87
C HIS D 263 -17.03 -7.12 2.00
N GLU D 264 -16.02 -6.26 1.88
CA GLU D 264 -14.97 -6.20 2.89
C GLU D 264 -15.50 -5.73 4.24
N GLY D 265 -16.58 -4.95 4.23
CA GLY D 265 -17.20 -4.52 5.48
C GLY D 265 -17.94 -5.61 6.21
N LEU D 266 -18.19 -6.75 5.55
CA LEU D 266 -18.86 -7.89 6.18
C LEU D 266 -17.82 -8.83 6.79
N PRO D 267 -17.98 -9.22 8.06
CA PRO D 267 -17.02 -10.17 8.65
C PRO D 267 -17.01 -11.52 7.95
N LYS D 268 -18.12 -11.94 7.36
CA LYS D 268 -18.21 -13.21 6.67
C LYS D 268 -19.05 -13.03 5.41
N PRO D 269 -18.94 -13.95 4.45
CA PRO D 269 -19.78 -13.86 3.25
C PRO D 269 -21.23 -14.18 3.57
N LEU D 270 -22.11 -13.18 3.45
CA LEU D 270 -23.50 -13.33 3.82
C LEU D 270 -24.30 -14.00 2.70
N THR D 271 -25.14 -14.95 3.07
CA THR D 271 -26.04 -15.61 2.14
C THR D 271 -27.47 -15.44 2.63
N LEU D 272 -28.38 -15.06 1.73
CA LEU D 272 -29.78 -14.86 2.05
C LEU D 272 -30.63 -15.80 1.21
N ARG D 273 -31.44 -16.62 1.88
CA ARG D 273 -32.32 -17.59 1.23
C ARG D 273 -33.74 -17.36 1.74
N TRP D 274 -34.67 -18.14 1.20
CA TRP D 274 -36.07 -18.06 1.63
C TRP D 274 -36.43 -19.24 2.53
N MET E 1 -16.42 3.46 -35.64
CA MET E 1 -16.26 4.13 -34.35
C MET E 1 -17.12 3.46 -33.28
N ILE E 2 -16.66 3.52 -32.03
CA ILE E 2 -17.34 2.86 -30.94
C ILE E 2 -18.36 3.81 -30.31
N GLN E 3 -19.58 3.31 -30.10
CA GLN E 3 -20.63 4.05 -29.41
C GLN E 3 -21.30 3.11 -28.44
N ARG E 4 -21.73 3.66 -27.30
CA ARG E 4 -22.31 2.87 -26.23
C ARG E 4 -23.58 3.53 -25.73
N THR E 5 -24.63 2.74 -25.54
CA THR E 5 -25.90 3.27 -25.08
C THR E 5 -25.88 3.47 -23.57
N PRO E 6 -26.50 4.55 -23.07
CA PRO E 6 -26.49 4.78 -21.63
C PRO E 6 -27.39 3.79 -20.90
N LYS E 7 -26.95 3.41 -19.70
CA LYS E 7 -27.73 2.52 -18.83
C LYS E 7 -28.32 3.37 -17.72
N ILE E 8 -29.62 3.62 -17.83
CA ILE E 8 -30.33 4.56 -16.96
C ILE E 8 -30.83 3.83 -15.73
N GLN E 9 -30.76 4.51 -14.58
CA GLN E 9 -31.29 3.98 -13.33
C GLN E 9 -31.94 5.13 -12.57
N VAL E 10 -33.25 5.09 -12.44
CA VAL E 10 -34.02 6.08 -11.69
C VAL E 10 -34.34 5.48 -10.32
N TYR E 11 -33.89 6.15 -9.26
CA TYR E 11 -34.04 5.61 -7.92
C TYR E 11 -33.95 6.75 -6.91
N SER E 12 -34.21 6.41 -5.65
CA SER E 12 -34.16 7.37 -4.56
C SER E 12 -32.97 7.08 -3.66
N ARG E 13 -32.56 8.10 -2.91
CA ARG E 13 -31.44 7.94 -1.99
C ARG E 13 -31.83 7.09 -0.79
N HIS E 14 -33.04 7.29 -0.26
CA HIS E 14 -33.55 6.55 0.87
C HIS E 14 -34.87 5.87 0.52
N PRO E 15 -35.29 4.88 1.29
CA PRO E 15 -36.62 4.30 1.10
C PRO E 15 -37.70 5.37 1.05
N ALA E 16 -38.57 5.28 0.06
CA ALA E 16 -39.58 6.30 -0.16
C ALA E 16 -40.67 6.23 0.91
N GLU E 17 -41.19 7.41 1.25
CA GLU E 17 -42.28 7.53 2.22
C GLU E 17 -43.07 8.78 1.89
N ASN E 18 -44.39 8.63 1.75
CA ASN E 18 -45.24 9.76 1.40
C ASN E 18 -45.22 10.80 2.52
N GLY E 19 -44.86 12.03 2.16
CA GLY E 19 -44.78 13.12 3.13
C GLY E 19 -43.42 13.31 3.76
N LYS E 20 -42.37 12.74 3.19
CA LYS E 20 -41.02 12.86 3.74
C LYS E 20 -40.06 13.23 2.63
N SER E 21 -39.28 14.30 2.86
CA SER E 21 -38.37 14.80 1.84
C SER E 21 -37.29 13.78 1.52
N ASN E 22 -37.04 13.57 0.24
CA ASN E 22 -36.04 12.61 -0.23
C ASN E 22 -35.34 13.20 -1.46
N PHE E 23 -34.54 12.38 -2.14
CA PHE E 23 -33.83 12.79 -3.33
C PHE E 23 -34.11 11.82 -4.47
N LEU E 24 -34.30 12.37 -5.66
CA LEU E 24 -34.58 11.58 -6.86
C LEU E 24 -33.32 11.53 -7.73
N ASN E 25 -32.79 10.33 -7.94
CA ASN E 25 -31.54 10.15 -8.66
C ASN E 25 -31.79 9.52 -10.02
N CYS E 26 -31.07 10.00 -11.03
CA CYS E 26 -31.07 9.41 -12.37
C CYS E 26 -29.62 9.17 -12.76
N TYR E 27 -29.15 7.94 -12.60
CA TYR E 27 -27.76 7.58 -12.82
C TYR E 27 -27.63 6.93 -14.19
N VAL E 28 -26.94 7.61 -15.10
CA VAL E 28 -26.64 7.10 -16.43
C VAL E 28 -25.16 6.74 -16.48
N SER E 29 -24.85 5.60 -17.07
CA SER E 29 -23.47 5.11 -17.12
C SER E 29 -23.30 4.22 -18.33
N GLY E 30 -22.05 3.88 -18.61
CA GLY E 30 -21.72 2.98 -19.71
C GLY E 30 -22.09 3.52 -21.06
N PHE E 31 -21.81 4.79 -21.32
CA PHE E 31 -22.17 5.42 -22.59
C PHE E 31 -20.95 6.11 -23.19
N HIS E 32 -21.00 6.27 -24.51
CA HIS E 32 -19.95 6.92 -25.27
C HIS E 32 -20.50 7.33 -26.62
N PRO E 33 -20.29 8.58 -27.04
CA PRO E 33 -19.51 9.65 -26.39
C PRO E 33 -20.21 10.33 -25.20
N SER E 34 -19.72 11.51 -24.83
CA SER E 34 -20.16 12.16 -23.61
C SER E 34 -21.44 12.98 -23.81
N ASP E 35 -21.72 13.43 -25.03
CA ASP E 35 -22.89 14.25 -25.27
C ASP E 35 -24.17 13.47 -24.99
N ILE E 36 -24.95 13.95 -24.02
CA ILE E 36 -26.14 13.25 -23.57
C ILE E 36 -27.09 14.26 -22.95
N GLU E 37 -28.38 14.06 -23.19
CA GLU E 37 -29.43 14.89 -22.60
C GLU E 37 -30.09 14.11 -21.47
N VAL E 38 -30.04 14.65 -20.25
CA VAL E 38 -30.65 14.02 -19.09
C VAL E 38 -31.56 15.04 -18.42
N ASP E 39 -32.81 14.66 -18.20
CA ASP E 39 -33.79 15.52 -17.55
C ASP E 39 -34.62 14.71 -16.57
N LEU E 40 -34.91 15.30 -15.42
CA LEU E 40 -35.77 14.70 -14.41
C LEU E 40 -37.18 15.23 -14.57
N LEU E 41 -38.15 14.33 -14.67
CA LEU E 41 -39.53 14.69 -14.94
C LEU E 41 -40.40 14.42 -13.72
N LYS E 42 -41.30 15.34 -13.44
CA LYS E 42 -42.36 15.16 -12.44
C LYS E 42 -43.70 15.24 -13.18
N ASN E 43 -44.38 14.09 -13.29
CA ASN E 43 -45.64 13.97 -14.00
C ASN E 43 -45.53 14.37 -15.46
N GLY E 44 -44.31 14.38 -16.01
CA GLY E 44 -44.09 14.73 -17.39
C GLY E 44 -43.48 16.11 -17.61
N GLU E 45 -43.31 16.90 -16.56
CA GLU E 45 -42.73 18.23 -16.66
C GLU E 45 -41.29 18.21 -16.16
N ARG E 46 -40.43 18.94 -16.87
CA ARG E 46 -39.01 18.97 -16.52
C ARG E 46 -38.79 19.77 -15.24
N ILE E 47 -38.04 19.19 -14.31
CA ILE E 47 -37.61 19.90 -13.12
C ILE E 47 -36.41 20.77 -13.48
N GLU E 48 -36.47 22.04 -13.06
CA GLU E 48 -35.44 23.02 -13.44
C GLU E 48 -34.24 22.97 -12.51
N LYS E 49 -34.47 23.16 -11.20
CA LYS E 49 -33.39 23.08 -10.21
C LYS E 49 -32.98 21.62 -10.05
N VAL E 50 -32.11 21.16 -10.94
CA VAL E 50 -31.58 19.81 -10.91
C VAL E 50 -30.06 19.89 -10.96
N GLU E 51 -29.40 19.22 -10.02
CA GLU E 51 -27.94 19.21 -9.95
C GLU E 51 -27.40 17.88 -10.46
N HIS E 52 -26.26 17.94 -11.14
CA HIS E 52 -25.62 16.75 -11.67
C HIS E 52 -24.16 16.74 -11.25
N SER E 53 -23.58 15.53 -11.21
CA SER E 53 -22.17 15.39 -10.90
C SER E 53 -21.34 15.81 -12.11
N ASP E 54 -20.02 15.64 -12.00
CA ASP E 54 -19.10 16.01 -13.06
C ASP E 54 -18.65 14.76 -13.82
N LEU E 55 -18.26 14.98 -15.07
CA LEU E 55 -17.99 13.86 -15.98
C LEU E 55 -16.77 13.07 -15.54
N SER E 56 -16.96 11.78 -15.33
CA SER E 56 -15.88 10.85 -15.04
C SER E 56 -16.12 9.57 -15.83
N PHE E 57 -15.18 8.64 -15.74
CA PHE E 57 -15.29 7.38 -16.48
C PHE E 57 -14.68 6.26 -15.65
N SER E 58 -14.74 5.05 -16.19
CA SER E 58 -14.26 3.84 -15.53
C SER E 58 -13.18 3.20 -16.40
N LYS E 59 -12.77 1.98 -16.02
CA LYS E 59 -11.67 1.31 -16.71
C LYS E 59 -12.01 1.01 -18.16
N ASP E 60 -13.28 0.81 -18.48
CA ASP E 60 -13.69 0.61 -19.86
C ASP E 60 -13.88 1.91 -20.62
N TRP E 61 -13.43 3.04 -20.05
CA TRP E 61 -13.49 4.37 -20.64
C TRP E 61 -14.91 4.85 -20.90
N SER E 62 -15.91 4.19 -20.30
CA SER E 62 -17.29 4.62 -20.45
C SER E 62 -17.65 5.63 -19.37
N PHE E 63 -18.36 6.68 -19.78
CA PHE E 63 -18.68 7.77 -18.87
C PHE E 63 -19.85 7.40 -17.96
N TYR E 64 -19.99 8.17 -16.88
CA TYR E 64 -21.13 8.03 -15.97
C TYR E 64 -21.44 9.38 -15.37
N LEU E 65 -22.73 9.65 -15.15
CA LEU E 65 -23.19 10.89 -14.54
C LEU E 65 -24.35 10.60 -13.62
N LEU E 66 -24.48 11.42 -12.58
CA LEU E 66 -25.53 11.28 -11.57
C LEU E 66 -26.32 12.57 -11.49
N TYR E 67 -27.57 12.53 -11.94
CA TYR E 67 -28.48 13.66 -11.83
C TYR E 67 -29.38 13.45 -10.61
N TYR E 68 -29.48 14.47 -9.76
CA TYR E 68 -30.20 14.35 -8.51
C TYR E 68 -30.91 15.66 -8.18
N THR E 69 -32.03 15.54 -7.48
CA THR E 69 -32.78 16.69 -6.99
C THR E 69 -33.59 16.25 -5.78
N GLU E 70 -33.88 17.21 -4.90
CA GLU E 70 -34.65 16.94 -3.70
C GLU E 70 -36.14 17.06 -4.00
N PHE E 71 -36.93 16.15 -3.44
CA PHE E 71 -38.36 16.11 -3.71
C PHE E 71 -39.07 15.44 -2.54
N THR E 72 -40.40 15.46 -2.59
CA THR E 72 -41.24 14.83 -1.58
C THR E 72 -42.18 13.83 -2.26
N PRO E 73 -42.00 12.53 -2.05
CA PRO E 73 -42.87 11.55 -2.71
C PRO E 73 -44.29 11.61 -2.18
N THR E 74 -45.25 11.46 -3.11
CA THR E 74 -46.65 11.30 -2.76
C THR E 74 -47.23 10.17 -3.59
N GLU E 75 -48.47 9.80 -3.27
CA GLU E 75 -49.17 8.77 -4.04
C GLU E 75 -49.60 9.27 -5.42
N LYS E 76 -49.73 10.59 -5.59
CA LYS E 76 -50.18 11.16 -6.85
C LYS E 76 -49.03 11.53 -7.78
N ASP E 77 -47.88 11.90 -7.23
CA ASP E 77 -46.78 12.37 -8.05
C ASP E 77 -46.12 11.21 -8.81
N GLU E 78 -45.97 11.38 -10.11
CA GLU E 78 -45.24 10.46 -10.96
C GLU E 78 -43.91 11.08 -11.35
N TYR E 79 -42.89 10.23 -11.48
CA TYR E 79 -41.55 10.70 -11.79
C TYR E 79 -40.91 9.81 -12.85
N ALA E 80 -40.01 10.41 -13.63
CA ALA E 80 -39.33 9.71 -14.70
C ALA E 80 -38.09 10.51 -15.10
N CYS E 81 -37.23 9.89 -15.89
CA CYS E 81 -36.00 10.51 -16.37
C CYS E 81 -35.88 10.25 -17.86
N ARG E 82 -35.93 11.31 -18.66
CA ARG E 82 -35.84 11.21 -20.11
C ARG E 82 -34.38 11.42 -20.52
N VAL E 83 -33.79 10.39 -21.14
CA VAL E 83 -32.39 10.42 -21.54
C VAL E 83 -32.32 10.34 -23.05
N ASN E 84 -31.53 11.22 -23.65
CA ASN E 84 -31.34 11.27 -25.10
C ASN E 84 -29.85 11.16 -25.41
N HIS E 85 -29.52 10.28 -26.36
CA HIS E 85 -28.14 10.05 -26.74
C HIS E 85 -28.09 9.77 -28.23
N VAL E 86 -26.88 9.81 -28.80
CA VAL E 86 -26.73 9.57 -30.23
C VAL E 86 -27.04 8.11 -30.56
N THR E 87 -26.84 7.19 -29.62
CA THR E 87 -27.15 5.79 -29.89
C THR E 87 -28.64 5.52 -29.87
N LEU E 88 -29.40 6.30 -29.09
CA LEU E 88 -30.84 6.14 -28.99
C LEU E 88 -31.53 7.00 -30.04
N SER E 89 -32.41 6.39 -30.82
CA SER E 89 -33.12 7.12 -31.87
C SER E 89 -33.96 8.23 -31.28
N GLN E 90 -34.88 7.88 -30.37
CA GLN E 90 -35.70 8.84 -29.67
C GLN E 90 -35.36 8.83 -28.18
N PRO E 91 -35.57 9.94 -27.47
CA PRO E 91 -35.21 9.98 -26.04
C PRO E 91 -36.03 9.00 -25.22
N LYS E 92 -35.35 8.05 -24.60
CA LYS E 92 -36.00 7.05 -23.77
C LYS E 92 -36.29 7.61 -22.38
N ILE E 93 -37.49 7.32 -21.88
CA ILE E 93 -37.94 7.80 -20.59
C ILE E 93 -38.08 6.60 -19.66
N VAL E 94 -37.41 6.67 -18.51
CA VAL E 94 -37.44 5.61 -17.50
C VAL E 94 -38.23 6.11 -16.31
N LYS E 95 -39.36 5.46 -16.03
CA LYS E 95 -40.26 5.90 -14.98
C LYS E 95 -39.77 5.45 -13.61
N TRP E 96 -39.99 6.30 -12.60
CA TRP E 96 -39.56 6.03 -11.24
C TRP E 96 -40.55 5.07 -10.58
N ASP E 97 -40.07 3.86 -10.28
CA ASP E 97 -40.88 2.81 -9.69
C ASP E 97 -40.19 2.28 -8.44
N ARG E 98 -40.96 1.61 -7.60
CA ARG E 98 -40.41 0.94 -6.43
C ARG E 98 -40.08 -0.52 -6.72
N MET F 1 -2.18 15.97 -5.34
CA MET F 1 -2.14 17.02 -6.35
C MET F 1 -1.85 16.45 -7.73
N MET F 2 -2.02 17.29 -8.75
CA MET F 2 -1.82 16.87 -10.13
C MET F 2 -0.33 16.83 -10.46
N TRP F 3 -0.02 16.40 -11.69
CA TRP F 3 1.35 16.32 -12.14
C TRP F 3 1.89 17.70 -12.48
N ASP F 4 3.13 17.97 -12.06
CA ASP F 4 3.73 19.29 -12.28
C ASP F 4 4.27 19.43 -13.69
N ARG F 5 5.11 18.49 -14.12
CA ARG F 5 5.68 18.53 -15.46
C ARG F 5 4.76 17.84 -16.45
N GLY F 6 5.02 18.09 -17.74
CA GLY F 6 4.22 17.49 -18.79
C GLY F 6 4.85 16.21 -19.33
N LEU F 7 4.06 15.50 -20.13
CA LEU F 7 4.51 14.26 -20.75
C LEU F 7 5.15 14.49 -22.11
N GLY F 8 5.11 15.71 -22.64
CA GLY F 8 5.74 16.01 -23.91
C GLY F 8 4.75 16.20 -25.04
N MET F 9 5.19 15.93 -26.26
CA MET F 9 4.38 16.09 -27.46
C MET F 9 4.07 14.72 -28.05
N MET F 10 2.89 14.60 -28.65
CA MET F 10 2.47 13.35 -29.28
C MET F 10 3.33 13.04 -30.51
#